data_7XUO
#
_entry.id   7XUO
#
_cell.length_a   1.00
_cell.length_b   1.00
_cell.length_c   1.00
_cell.angle_alpha   90.00
_cell.angle_beta   90.00
_cell.angle_gamma   90.00
#
_symmetry.space_group_name_H-M   'P 1'
#
loop_
_entity.id
_entity.type
_entity.pdbx_description
1 polymer 'Copper-transporting ATPase 2'
2 non-polymer 'PLATINUM (II) ION'
#
_entity_poly.entity_id   1
_entity_poly.type   'polypeptide(L)'
_entity_poly.pdbx_seq_one_letter_code
;MPEQERQITAREGASRKILSKLSLPTRAWEPAMKKSFAFDNVGYEGGLDGLGPSSQVATSTVRILGMTCQSCVKSIEDRI
SNLKGIISMKVSLEQGSATVKYVPSVVCLQQVCHQIGDMGFEASIAEGKAASWPSRSLPAQEAVVKLRVEGMTCQSCVSS
IEGKVRKLQGVVRVKVSLSNQEAVITYQPYLIQPEDLRDHVNDMGFEAAIKSKVAPLSLGPIDIERLQSTNPKRPLSSAN
QNFNNSETLGHQGSHVVTLQLRIDGMHCKSCVLNIEENIGQLLGVQSIQVSLENKTAQVKYDPSCTSPVALQRAIEALPP
GNFKVSLPDGAEGSGTDHRSSSSHSPGSPPRNQVQGTCSTTLIAIAGMTCASCVHSIEGMISQLEGVQQISVSLAEGTAT
VLYNPSVISPEELRAAIEDMGFEASVVSESCSTNPLGNHSAGNSMVQTTDGTPTSVQEVAPHTGRLPANHAPDILAKSPQ
STRAVAPQKCFLQIKGMTCASCVSNIERNLQKEAGVLSVLVALMAGKAEIKYDPEVIQPLEIAQFIQDLGFEAAVMEDYA
GSDGNIELTITGMTCASCVHNIESKLTRTNGITYASVALATSKALVKFDPEIIGPRDIIKIIEEIGFHASLAQRNPNAHH
LDHKMEIKQWKKSFLCSLVFGIPVMALMIYMLIPSNEPHQSMVLDHNIIPGLSILNLIFFILCTFVQLLGGWYFYVQAYK
SLRHRSANMDVLIVLATSIAYVYSLVILVVAVAEKAERSPVTFFDTPPMLFVFIALGRWLEHLAKSKTSEALAKLMSLQA
TEATVVTLGEDNLIIREEQVPMELVQRGDIVKVVPGGKFPVDGKVLEGNTMADESLITGEAMPVTKKPGSTVIAGSINAH
GSVLIKATHVGNDTTLAQIVKLVEEAQMSKAPIQQLADRFSGYFVPFIIIMSTLTLVVWIVIGFIDFGVVQRYFPNPNKH
ISQTEVIIRFAFQTSITVLCIASPSSLGLATPTAVMVGTGVAAQNGILIKGGKPLEMAHKIKTVMFAKTGTITHGVPRVM
RVLLLGDVATLPLRKVLAVVGTAEASSEHPLGVAVTKYCKEELGTETLGYCTDFQAVPGCGIGCKVSNVEGILAHSERPL
SAPASHLNEAGSLPAEKDAVPQTFSVLIGNREWLRRNGLTISSDVSDAMTDHEMKGQTAILVAIDGVLCGMIAIADAVKQ
EAALAVHTLQSMGVDVVLITGDNRKTARAIATQVGINKVFAEVLPSHKVAKVQELQNKGKKVAMVGDGVNDSPALAQADM
GVAIGTGTDVAIEAADVVLIRNDLLDVVASIHLSKRTVRRIRINLVLALIYNLVGIPIAAGVFMPIGIVLQPWMGSAAMA
ASSVSVVLSSLQLKCYKKPDLERYEAQAHGHMKPLTASQVSVHIGMDDRWRDSPRATPWDQVSYVSQVSLSSLTSDKPSR
HSAAADDDGDKWSLLLNGRDEEQYIVDELTSRGRDYKDDDDKWSHPQFEKGGGGSGGSAWSHPQFEK
;
_entity_poly.pdbx_strand_id   A
#
loop_
_chem_comp.id
_chem_comp.type
_chem_comp.name
_chem_comp.formula
PT non-polymer 'PLATINUM (II) ION' 'Pt 2'
#
# COMPACT_ATOMS: atom_id res chain seq x y z
N SER A 562 -11.40 18.25 8.39
CA SER A 562 -12.31 19.33 8.76
C SER A 562 -11.91 20.64 8.08
N ASP A 563 -10.81 20.60 7.33
CA ASP A 563 -10.32 21.76 6.59
C ASP A 563 -10.85 21.78 5.16
N GLY A 564 -12.02 21.22 4.93
CA GLY A 564 -12.55 21.11 3.58
C GLY A 564 -11.71 20.23 2.68
N ASN A 565 -11.10 19.19 3.23
CA ASN A 565 -10.30 18.27 2.45
C ASN A 565 -11.23 17.40 1.62
N ILE A 566 -11.08 17.46 0.30
CA ILE A 566 -12.01 16.82 -0.62
C ILE A 566 -11.33 15.63 -1.28
N GLU A 567 -12.15 14.69 -1.74
CA GLU A 567 -11.71 13.55 -2.52
C GLU A 567 -12.58 13.44 -3.75
N LEU A 568 -11.97 13.40 -4.93
CA LEU A 568 -12.69 13.38 -6.19
C LEU A 568 -12.29 12.15 -6.99
N THR A 569 -13.21 11.71 -7.86
CA THR A 569 -12.94 10.66 -8.83
C THR A 569 -12.93 11.27 -10.22
N ILE A 570 -11.90 10.93 -10.99
CA ILE A 570 -11.69 11.49 -12.32
C ILE A 570 -11.65 10.36 -13.33
N THR A 571 -12.44 10.49 -14.39
CA THR A 571 -12.48 9.51 -15.47
C THR A 571 -11.91 10.13 -16.74
N GLY A 572 -11.09 9.35 -17.44
CA GLY A 572 -10.48 9.81 -18.68
C GLY A 572 -8.98 10.01 -18.63
N MET A 573 -8.31 9.59 -17.55
CA MET A 573 -6.86 9.70 -17.44
C MET A 573 -6.24 8.45 -18.04
N THR A 574 -5.77 8.54 -19.29
CA THR A 574 -5.17 7.41 -19.98
C THR A 574 -3.65 7.46 -19.94
N CYS A 575 -3.06 8.54 -20.45
CA CYS A 575 -1.62 8.67 -20.45
C CYS A 575 -1.09 8.98 -19.05
N ALA A 576 0.17 8.65 -18.82
CA ALA A 576 0.81 8.92 -17.54
C ALA A 576 1.25 10.36 -17.40
N SER A 577 1.16 11.17 -18.46
CA SER A 577 1.56 12.56 -18.40
C SER A 577 0.45 13.47 -17.90
N CYS A 578 -0.77 12.96 -17.74
CA CYS A 578 -1.87 13.79 -17.28
C CYS A 578 -1.74 14.12 -15.79
N VAL A 579 -1.10 13.24 -15.02
CA VAL A 579 -1.00 13.45 -13.58
C VAL A 579 -0.16 14.69 -13.27
N HIS A 580 0.97 14.87 -13.97
CA HIS A 580 1.81 16.03 -13.73
C HIS A 580 1.08 17.30 -14.14
N ASN A 581 0.40 17.27 -15.28
CA ASN A 581 -0.37 18.42 -15.72
C ASN A 581 -1.40 18.83 -14.69
N ILE A 582 -2.20 17.87 -14.21
CA ILE A 582 -3.27 18.19 -13.27
C ILE A 582 -2.68 18.70 -11.96
N GLU A 583 -1.65 18.02 -11.45
CA GLU A 583 -1.07 18.44 -10.17
C GLU A 583 -0.47 19.82 -10.26
N SER A 584 0.26 20.10 -11.34
CA SER A 584 0.88 21.42 -11.50
C SER A 584 -0.18 22.50 -11.65
N LYS A 585 -1.23 22.25 -12.45
CA LYS A 585 -2.27 23.24 -12.64
C LYS A 585 -3.00 23.54 -11.34
N LEU A 586 -3.28 22.51 -10.54
CA LEU A 586 -3.97 22.74 -9.27
C LEU A 586 -3.07 23.44 -8.26
N THR A 587 -1.84 22.97 -8.09
CA THR A 587 -0.96 23.52 -7.07
C THR A 587 -0.56 24.96 -7.39
N ARG A 588 -0.29 25.25 -8.67
CA ARG A 588 0.07 26.60 -9.07
C ARG A 588 -1.08 27.57 -8.83
N THR A 589 -2.32 27.08 -8.86
CA THR A 589 -3.46 27.92 -8.52
C THR A 589 -3.42 28.29 -7.05
N ASN A 590 -3.69 29.56 -6.75
CA ASN A 590 -3.64 30.04 -5.39
C ASN A 590 -4.74 29.41 -4.54
N GLY A 591 -4.49 29.32 -3.24
CA GLY A 591 -5.46 28.77 -2.31
C GLY A 591 -5.43 27.27 -2.14
N ILE A 592 -4.45 26.58 -2.73
CA ILE A 592 -4.32 25.13 -2.63
C ILE A 592 -2.91 24.81 -2.18
N THR A 593 -2.79 23.91 -1.20
CA THR A 593 -1.49 23.55 -0.65
C THR A 593 -1.06 22.12 -0.93
N TYR A 594 -1.90 21.30 -1.56
CA TYR A 594 -1.58 19.89 -1.75
C TYR A 594 -2.50 19.33 -2.82
N ALA A 595 -1.97 18.40 -3.62
CA ALA A 595 -2.76 17.73 -4.65
C ALA A 595 -2.06 16.43 -5.01
N SER A 596 -2.71 15.31 -4.73
CA SER A 596 -2.20 13.99 -5.09
C SER A 596 -3.23 13.29 -5.98
N VAL A 597 -2.77 12.74 -7.10
CA VAL A 597 -3.62 12.08 -8.08
C VAL A 597 -3.10 10.66 -8.29
N ALA A 598 -4.00 9.68 -8.22
CA ALA A 598 -3.65 8.29 -8.43
C ALA A 598 -4.18 7.84 -9.78
N LEU A 599 -3.26 7.55 -10.70
CA LEU A 599 -3.66 7.10 -12.03
C LEU A 599 -4.33 5.73 -11.98
N ALA A 600 -3.81 4.82 -11.15
CA ALA A 600 -4.37 3.48 -11.06
C ALA A 600 -5.79 3.50 -10.50
N THR A 601 -6.00 4.25 -9.41
CA THR A 601 -7.31 4.33 -8.80
C THR A 601 -8.23 5.30 -9.54
N SER A 602 -7.66 6.22 -10.31
CA SER A 602 -8.42 7.25 -11.02
C SER A 602 -9.22 8.11 -10.05
N LYS A 603 -8.52 8.66 -9.06
CA LYS A 603 -9.12 9.55 -8.07
C LYS A 603 -8.14 10.68 -7.78
N ALA A 604 -8.57 11.61 -6.92
CA ALA A 604 -7.73 12.72 -6.54
C ALA A 604 -8.00 13.09 -5.09
N LEU A 605 -6.97 13.60 -4.41
CA LEU A 605 -7.06 13.98 -3.01
C LEU A 605 -6.47 15.39 -2.88
N VAL A 606 -7.35 16.38 -2.71
CA VAL A 606 -6.95 17.78 -2.70
C VAL A 606 -7.46 18.43 -1.42
N LYS A 607 -6.59 19.15 -0.72
CA LYS A 607 -6.95 19.93 0.45
C LYS A 607 -6.72 21.41 0.14
N PHE A 608 -7.62 22.27 0.62
CA PHE A 608 -7.59 23.68 0.27
C PHE A 608 -8.17 24.49 1.41
N ASP A 609 -8.05 25.81 1.28
CA ASP A 609 -8.67 26.71 2.24
C ASP A 609 -10.16 26.77 1.97
N PRO A 610 -11.01 26.39 2.94
CA PRO A 610 -12.44 26.19 2.64
C PRO A 610 -13.16 27.44 2.19
N GLU A 611 -12.82 28.61 2.74
CA GLU A 611 -13.62 29.80 2.45
C GLU A 611 -13.31 30.39 1.08
N ILE A 612 -12.07 30.25 0.62
CA ILE A 612 -11.66 30.91 -0.62
C ILE A 612 -12.36 30.29 -1.82
N ILE A 613 -12.36 28.97 -1.91
CA ILE A 613 -12.90 28.27 -3.06
C ILE A 613 -13.78 27.12 -2.59
N GLY A 614 -14.59 26.61 -3.51
CA GLY A 614 -15.49 25.52 -3.23
C GLY A 614 -15.23 24.29 -4.08
N PRO A 615 -15.83 23.16 -3.71
CA PRO A 615 -15.64 21.95 -4.52
C PRO A 615 -16.11 22.10 -5.95
N ARG A 616 -17.20 22.85 -6.17
CA ARG A 616 -17.65 23.09 -7.54
C ARG A 616 -16.64 23.88 -8.33
N ASP A 617 -15.90 24.79 -7.67
CA ASP A 617 -14.82 25.49 -8.35
C ASP A 617 -13.73 24.53 -8.80
N ILE A 618 -13.39 23.55 -7.95
CA ILE A 618 -12.39 22.56 -8.31
C ILE A 618 -12.88 21.72 -9.48
N ILE A 619 -14.15 21.33 -9.46
CA ILE A 619 -14.72 20.57 -10.58
C ILE A 619 -14.66 21.39 -11.85
N LYS A 620 -14.96 22.69 -11.75
CA LYS A 620 -14.89 23.57 -12.92
C LYS A 620 -13.46 23.65 -13.45
N ILE A 621 -12.47 23.75 -12.56
CA ILE A 621 -11.08 23.80 -13.01
C ILE A 621 -10.70 22.51 -13.73
N ILE A 622 -11.11 21.37 -13.16
CA ILE A 622 -10.78 20.08 -13.77
C ILE A 622 -11.45 19.96 -15.14
N GLU A 623 -12.70 20.40 -15.26
CA GLU A 623 -13.38 20.40 -16.55
C GLU A 623 -12.68 21.32 -17.54
N GLU A 624 -12.16 22.45 -17.07
CA GLU A 624 -11.38 23.34 -17.93
C GLU A 624 -10.12 22.64 -18.44
N ILE A 625 -9.48 21.85 -17.58
CA ILE A 625 -8.32 21.08 -18.01
C ILE A 625 -8.72 20.06 -19.07
N GLY A 626 -9.88 19.43 -18.91
CA GLY A 626 -10.37 18.51 -19.91
C GLY A 626 -10.65 17.11 -19.41
N PHE A 627 -10.94 16.97 -18.11
CA PHE A 627 -11.27 15.69 -17.52
C PHE A 627 -12.61 15.77 -16.81
N HIS A 628 -13.34 14.67 -16.83
CA HIS A 628 -14.66 14.59 -16.18
C HIS A 628 -14.46 14.12 -14.73
N ALA A 629 -14.83 14.98 -13.79
CA ALA A 629 -14.64 14.72 -12.37
C ALA A 629 -15.95 14.88 -11.62
N SER A 630 -16.04 14.21 -10.47
CA SER A 630 -17.23 14.27 -9.64
C SER A 630 -16.83 13.92 -8.21
N LEU A 631 -17.76 14.14 -7.29
CA LEU A 631 -17.51 13.83 -5.89
C LEU A 631 -17.33 12.32 -5.70
N ALA A 632 -16.49 11.96 -4.73
CA ALA A 632 -16.17 10.56 -4.52
C ALA A 632 -17.38 9.78 -4.01
N GLN A 633 -17.64 8.64 -4.65
CA GLN A 633 -18.67 7.71 -4.21
C GLN A 633 -18.10 6.84 -3.09
N ARG A 634 -18.99 6.06 -2.47
CA ARG A 634 -18.62 5.31 -1.27
C ARG A 634 -18.57 3.81 -1.49
N ASN A 635 -19.69 3.19 -1.89
CA ASN A 635 -19.64 1.75 -2.14
C ASN A 635 -19.15 1.36 -3.54
N PRO A 636 -19.49 2.08 -4.65
CA PRO A 636 -19.19 1.51 -5.97
C PRO A 636 -17.74 1.73 -6.37
N ASN A 637 -16.92 0.68 -6.30
CA ASN A 637 -15.52 0.78 -6.71
C ASN A 637 -15.06 -0.40 -7.54
N ALA A 638 -15.90 -1.40 -7.77
CA ALA A 638 -15.46 -2.60 -8.45
C ALA A 638 -15.03 -2.31 -9.89
N HIS A 639 -15.80 -1.48 -10.59
CA HIS A 639 -15.50 -1.24 -12.01
C HIS A 639 -14.24 -0.40 -12.20
N HIS A 640 -13.92 0.47 -11.25
CA HIS A 640 -12.67 1.23 -11.34
C HIS A 640 -11.46 0.30 -11.28
N LEU A 641 -11.49 -0.69 -10.40
CA LEU A 641 -10.39 -1.62 -10.22
C LEU A 641 -10.49 -2.86 -11.10
N ASP A 642 -11.57 -2.98 -11.88
CA ASP A 642 -11.78 -4.18 -12.69
C ASP A 642 -11.05 -4.08 -14.02
N HIS A 643 -11.03 -2.87 -14.61
CA HIS A 643 -10.45 -2.63 -15.94
C HIS A 643 -11.15 -3.44 -17.03
N LYS A 644 -12.41 -3.79 -16.82
CA LYS A 644 -13.11 -4.64 -17.78
C LYS A 644 -13.31 -3.93 -19.12
N MET A 645 -13.78 -2.67 -19.07
CA MET A 645 -14.14 -1.98 -20.30
C MET A 645 -12.94 -1.77 -21.22
N GLU A 646 -11.81 -1.32 -20.65
CA GLU A 646 -10.63 -1.08 -21.46
C GLU A 646 -10.08 -2.38 -22.05
N ILE A 647 -10.03 -3.45 -21.25
CA ILE A 647 -9.56 -4.73 -21.78
C ILE A 647 -10.44 -5.19 -22.93
N LYS A 648 -11.76 -5.13 -22.75
CA LYS A 648 -12.67 -5.56 -23.80
C LYS A 648 -12.50 -4.70 -25.05
N GLN A 649 -12.39 -3.39 -24.88
CA GLN A 649 -12.28 -2.50 -26.03
C GLN A 649 -10.98 -2.72 -26.78
N TRP A 650 -9.87 -2.91 -26.05
CA TRP A 650 -8.59 -3.11 -26.72
C TRP A 650 -8.52 -4.46 -27.39
N LYS A 651 -9.08 -5.50 -26.77
CA LYS A 651 -9.14 -6.80 -27.44
C LYS A 651 -9.97 -6.73 -28.71
N LYS A 652 -11.12 -6.05 -28.65
CA LYS A 652 -11.94 -5.89 -29.83
C LYS A 652 -11.20 -5.12 -30.92
N SER A 653 -10.48 -4.06 -30.53
CA SER A 653 -9.73 -3.28 -31.51
C SER A 653 -8.62 -4.10 -32.15
N PHE A 654 -7.92 -4.91 -31.36
CA PHE A 654 -6.85 -5.74 -31.91
C PHE A 654 -7.40 -6.78 -32.87
N LEU A 655 -8.50 -7.44 -32.52
CA LEU A 655 -9.11 -8.39 -33.44
C LEU A 655 -9.61 -7.68 -34.71
N CYS A 656 -10.17 -6.48 -34.56
CA CYS A 656 -10.63 -5.73 -35.72
C CYS A 656 -9.48 -5.37 -36.65
N SER A 657 -8.35 -4.94 -36.09
CA SER A 657 -7.20 -4.54 -36.89
C SER A 657 -6.40 -5.74 -37.41
N LEU A 658 -6.63 -6.93 -36.87
CA LEU A 658 -5.96 -8.12 -37.39
C LEU A 658 -6.33 -8.41 -38.84
N VAL A 659 -7.49 -7.93 -39.31
CA VAL A 659 -7.94 -8.27 -40.66
C VAL A 659 -7.07 -7.61 -41.72
N PHE A 660 -6.34 -6.55 -41.36
CA PHE A 660 -5.47 -5.86 -42.29
C PHE A 660 -3.99 -6.07 -41.99
N GLY A 661 -3.68 -6.89 -40.99
CA GLY A 661 -2.30 -7.20 -40.69
C GLY A 661 -1.86 -8.50 -41.33
N ILE A 662 -2.80 -9.44 -41.48
CA ILE A 662 -2.50 -10.71 -42.15
C ILE A 662 -2.16 -10.50 -43.62
N PRO A 663 -2.96 -9.78 -44.43
CA PRO A 663 -2.60 -9.65 -45.85
C PRO A 663 -1.26 -8.97 -46.08
N VAL A 664 -0.99 -7.87 -45.37
CA VAL A 664 0.25 -7.14 -45.58
C VAL A 664 1.44 -7.97 -45.11
N MET A 665 1.28 -8.69 -44.00
CA MET A 665 2.36 -9.56 -43.54
C MET A 665 2.63 -10.68 -44.54
N ALA A 666 1.56 -11.26 -45.12
CA ALA A 666 1.74 -12.29 -46.13
C ALA A 666 2.46 -11.75 -47.35
N LEU A 667 2.08 -10.55 -47.81
CA LEU A 667 2.75 -9.96 -48.97
C LEU A 667 4.21 -9.66 -48.66
N MET A 668 4.49 -9.16 -47.45
CA MET A 668 5.86 -8.86 -47.07
C MET A 668 6.71 -10.12 -47.00
N ILE A 669 6.20 -11.18 -46.39
CA ILE A 669 6.99 -12.40 -46.28
C ILE A 669 7.14 -13.07 -47.66
N TYR A 670 6.18 -12.87 -48.56
CA TYR A 670 6.28 -13.44 -49.89
C TYR A 670 7.44 -12.81 -50.67
N MET A 671 7.72 -11.53 -50.41
CA MET A 671 8.86 -10.86 -51.04
C MET A 671 10.20 -11.42 -50.59
N LEU A 672 10.36 -11.72 -49.30
CA LEU A 672 11.68 -12.06 -48.76
C LEU A 672 12.18 -13.43 -49.20
N ILE A 673 11.43 -14.48 -48.89
CA ILE A 673 11.90 -15.84 -49.18
C ILE A 673 11.89 -16.06 -50.69
N PRO A 674 13.02 -16.45 -51.28
CA PRO A 674 13.04 -16.75 -52.72
C PRO A 674 12.71 -18.20 -52.99
N SER A 675 11.73 -18.44 -53.86
CA SER A 675 11.36 -19.80 -54.20
C SER A 675 12.49 -20.49 -54.94
N ASN A 676 12.71 -21.78 -54.60
CA ASN A 676 13.72 -22.55 -55.30
C ASN A 676 13.39 -22.71 -56.78
N GLU A 677 12.12 -22.96 -57.09
CA GLU A 677 11.63 -23.04 -58.46
C GLU A 677 10.38 -22.17 -58.58
N PRO A 678 10.54 -20.86 -58.63
CA PRO A 678 9.38 -19.96 -58.69
C PRO A 678 8.62 -20.12 -59.99
N HIS A 679 7.31 -19.89 -59.92
CA HIS A 679 6.47 -19.97 -61.11
C HIS A 679 6.87 -18.92 -62.14
N GLN A 680 7.05 -17.67 -61.69
CA GLN A 680 7.44 -16.60 -62.60
C GLN A 680 8.46 -15.66 -61.95
N SER A 681 9.06 -16.05 -60.83
CA SER A 681 10.05 -15.23 -60.12
C SER A 681 9.44 -13.90 -59.66
N MET A 682 8.46 -14.00 -58.77
CA MET A 682 7.85 -12.87 -58.05
C MET A 682 7.53 -11.70 -58.98
N VAL A 683 6.62 -11.97 -59.92
CA VAL A 683 6.13 -10.95 -60.84
C VAL A 683 5.01 -10.15 -60.15
N LEU A 684 4.85 -10.34 -58.84
CA LEU A 684 3.87 -9.58 -58.09
C LEU A 684 4.17 -8.09 -58.08
N ASP A 685 5.39 -7.68 -58.42
CA ASP A 685 5.73 -6.28 -58.56
C ASP A 685 5.81 -5.85 -60.03
N HIS A 686 5.01 -6.47 -60.89
CA HIS A 686 5.01 -6.12 -62.31
C HIS A 686 4.35 -4.76 -62.50
N ASN A 687 5.08 -3.83 -63.11
CA ASN A 687 4.55 -2.50 -63.35
C ASN A 687 3.47 -2.54 -64.43
N ILE A 688 2.51 -1.63 -64.31
CA ILE A 688 1.44 -1.48 -65.30
C ILE A 688 1.39 -0.06 -65.85
N ILE A 689 1.51 0.95 -64.98
CA ILE A 689 1.59 2.34 -65.40
C ILE A 689 2.90 2.89 -64.85
N PRO A 690 3.75 3.52 -65.69
CA PRO A 690 5.12 3.85 -65.27
C PRO A 690 5.20 4.57 -63.93
N GLY A 691 5.82 3.92 -62.95
CA GLY A 691 5.98 4.45 -61.63
C GLY A 691 5.01 3.89 -60.60
N LEU A 692 3.92 3.26 -61.04
CA LEU A 692 2.89 2.75 -60.14
C LEU A 692 2.79 1.24 -60.34
N SER A 693 3.46 0.48 -59.48
CA SER A 693 3.35 -0.97 -59.54
C SER A 693 2.04 -1.45 -58.93
N ILE A 694 1.68 -2.69 -59.24
CA ILE A 694 0.46 -3.27 -58.68
C ILE A 694 0.63 -3.52 -57.19
N LEU A 695 1.84 -3.85 -56.73
CA LEU A 695 2.08 -4.02 -55.31
C LEU A 695 1.80 -2.72 -54.55
N ASN A 696 2.29 -1.60 -55.08
CA ASN A 696 2.06 -0.32 -54.42
C ASN A 696 0.60 0.08 -54.45
N LEU A 697 -0.15 -0.33 -55.47
CA LEU A 697 -1.59 -0.08 -55.48
C LEU A 697 -2.28 -0.79 -54.33
N ILE A 698 -1.97 -2.07 -54.12
CA ILE A 698 -2.55 -2.83 -53.03
C ILE A 698 -2.19 -2.21 -51.69
N PHE A 699 -0.89 -1.89 -51.51
CA PHE A 699 -0.46 -1.29 -50.25
C PHE A 699 -1.12 0.06 -50.02
N PHE A 700 -1.29 0.86 -51.08
CA PHE A 700 -1.94 2.15 -50.95
C PHE A 700 -3.38 2.01 -50.51
N ILE A 701 -4.11 1.08 -51.14
CA ILE A 701 -5.51 0.89 -50.77
C ILE A 701 -5.63 0.42 -49.32
N LEU A 702 -4.81 -0.56 -48.93
CA LEU A 702 -4.88 -1.08 -47.57
C LEU A 702 -4.50 0.00 -46.55
N CYS A 703 -3.46 0.78 -46.83
CA CYS A 703 -3.04 1.82 -45.89
C CYS A 703 -4.08 2.94 -45.80
N THR A 704 -4.73 3.28 -46.91
CA THR A 704 -5.79 4.28 -46.86
C THR A 704 -6.95 3.79 -46.00
N PHE A 705 -7.34 2.52 -46.16
CA PHE A 705 -8.39 1.97 -45.31
C PHE A 705 -7.97 1.97 -43.84
N VAL A 706 -6.71 1.62 -43.56
CA VAL A 706 -6.24 1.62 -42.18
C VAL A 706 -6.28 3.03 -41.59
N GLN A 707 -5.82 4.02 -42.34
CA GLN A 707 -5.80 5.39 -41.83
C GLN A 707 -7.20 5.94 -41.62
N LEU A 708 -8.12 5.64 -42.54
CA LEU A 708 -9.48 6.15 -42.42
C LEU A 708 -10.35 5.31 -41.49
N LEU A 709 -9.88 4.15 -41.05
CA LEU A 709 -10.68 3.27 -40.21
C LEU A 709 -9.98 2.81 -38.94
N GLY A 710 -8.67 2.69 -38.90
CA GLY A 710 -8.00 2.14 -37.74
C GLY A 710 -7.41 3.17 -36.81
N GLY A 711 -6.92 4.27 -37.37
CA GLY A 711 -6.30 5.33 -36.60
C GLY A 711 -7.26 6.37 -36.07
N TRP A 712 -8.57 6.16 -36.21
CA TRP A 712 -9.54 7.17 -35.81
C TRP A 712 -9.46 7.49 -34.33
N TYR A 713 -9.35 6.45 -33.48
CA TYR A 713 -9.31 6.68 -32.05
C TYR A 713 -8.07 7.47 -31.65
N PHE A 714 -6.92 7.14 -32.24
CA PHE A 714 -5.70 7.91 -31.97
C PHE A 714 -5.85 9.35 -32.46
N TYR A 715 -6.50 9.54 -33.61
CA TYR A 715 -6.77 10.89 -34.08
C TYR A 715 -7.61 11.67 -33.08
N VAL A 716 -8.65 11.04 -32.54
CA VAL A 716 -9.52 11.72 -31.58
C VAL A 716 -8.74 12.08 -30.32
N GLN A 717 -7.94 11.13 -29.81
CA GLN A 717 -7.17 11.41 -28.59
C GLN A 717 -6.16 12.53 -28.82
N ALA A 718 -5.47 12.51 -29.96
CA ALA A 718 -4.49 13.56 -30.24
C ALA A 718 -5.17 14.91 -30.42
N TYR A 719 -6.34 14.93 -31.06
CA TYR A 719 -7.07 16.17 -31.25
C TYR A 719 -7.52 16.74 -29.92
N LYS A 720 -8.03 15.89 -29.03
CA LYS A 720 -8.48 16.38 -27.72
C LYS A 720 -7.33 16.77 -26.81
N SER A 721 -6.17 16.15 -26.96
CA SER A 721 -5.00 16.57 -26.19
C SER A 721 -4.36 17.84 -26.72
N LEU A 722 -4.42 18.05 -28.03
CA LEU A 722 -3.82 19.22 -28.65
C LEU A 722 -4.64 20.48 -28.45
N ARG A 723 -5.91 20.36 -28.08
CA ARG A 723 -6.70 21.54 -27.76
C ARG A 723 -6.14 22.29 -26.56
N HIS A 724 -5.32 21.63 -25.74
CA HIS A 724 -4.64 22.24 -24.62
C HIS A 724 -3.13 22.21 -24.86
N ARG A 725 -2.40 22.85 -23.95
CA ARG A 725 -0.95 23.00 -24.12
C ARG A 725 -0.23 21.65 -24.10
N SER A 726 -0.62 20.76 -23.20
CA SER A 726 0.10 19.51 -23.02
C SER A 726 -0.18 18.53 -24.16
N ALA A 727 0.74 17.59 -24.34
CA ALA A 727 0.63 16.56 -25.36
C ALA A 727 0.80 15.18 -24.73
N ASN A 728 -0.14 14.29 -25.01
CA ASN A 728 -0.11 12.94 -24.46
C ASN A 728 0.73 12.03 -25.35
N MET A 729 0.67 10.72 -25.11
CA MET A 729 1.53 9.76 -25.79
C MET A 729 0.97 9.28 -27.12
N ASP A 730 -0.24 9.67 -27.49
CA ASP A 730 -0.77 9.33 -28.81
C ASP A 730 -0.31 10.32 -29.88
N VAL A 731 0.26 11.45 -29.46
CA VAL A 731 0.85 12.38 -30.41
C VAL A 731 1.96 11.70 -31.19
N LEU A 732 2.76 10.88 -30.52
CA LEU A 732 3.83 10.16 -31.20
C LEU A 732 3.27 9.24 -32.28
N ILE A 733 2.20 8.51 -31.96
CA ILE A 733 1.63 7.58 -32.93
C ILE A 733 1.04 8.34 -34.11
N VAL A 734 0.31 9.42 -33.86
CA VAL A 734 -0.33 10.13 -34.96
C VAL A 734 0.72 10.79 -35.85
N LEU A 735 1.79 11.33 -35.24
CA LEU A 735 2.87 11.89 -36.04
C LEU A 735 3.55 10.83 -36.89
N ALA A 736 3.88 9.68 -36.29
CA ALA A 736 4.53 8.61 -37.04
C ALA A 736 3.70 8.20 -38.24
N THR A 737 2.42 7.90 -38.02
CA THR A 737 1.58 7.44 -39.13
C THR A 737 1.39 8.55 -40.16
N SER A 738 1.19 9.79 -39.73
CA SER A 738 0.97 10.86 -40.69
C SER A 738 2.19 11.09 -41.57
N ILE A 739 3.39 11.09 -40.98
CA ILE A 739 4.60 11.27 -41.77
C ILE A 739 4.80 10.10 -42.71
N ALA A 740 4.68 8.86 -42.20
CA ALA A 740 4.89 7.70 -43.04
C ALA A 740 3.88 7.64 -44.17
N TYR A 741 2.71 8.26 -44.00
CA TYR A 741 1.74 8.30 -45.08
C TYR A 741 2.07 9.39 -46.08
N VAL A 742 2.30 10.62 -45.60
CA VAL A 742 2.46 11.75 -46.50
C VAL A 742 3.73 11.63 -47.33
N TYR A 743 4.84 11.21 -46.72
CA TYR A 743 6.08 11.12 -47.47
C TYR A 743 5.96 10.11 -48.59
N SER A 744 5.39 8.94 -48.29
CA SER A 744 5.24 7.90 -49.29
C SER A 744 4.28 8.34 -50.39
N LEU A 745 3.18 9.01 -50.02
CA LEU A 745 2.25 9.48 -51.04
C LEU A 745 2.90 10.49 -51.96
N VAL A 746 3.69 11.42 -51.39
CA VAL A 746 4.35 12.44 -52.22
C VAL A 746 5.36 11.78 -53.15
N ILE A 747 6.14 10.82 -52.65
CA ILE A 747 7.14 10.20 -53.50
C ILE A 747 6.48 9.38 -54.61
N LEU A 748 5.35 8.74 -54.30
CA LEU A 748 4.64 7.97 -55.33
C LEU A 748 4.07 8.89 -56.40
N VAL A 749 3.49 10.02 -56.00
CA VAL A 749 2.96 10.97 -56.98
C VAL A 749 4.09 11.53 -57.84
N VAL A 750 5.24 11.83 -57.23
CA VAL A 750 6.38 12.31 -57.99
C VAL A 750 6.84 11.27 -59.01
N ALA A 751 6.91 10.01 -58.59
CA ALA A 751 7.33 8.95 -59.50
C ALA A 751 6.35 8.78 -60.66
N VAL A 752 5.05 8.87 -60.38
CA VAL A 752 4.06 8.71 -61.44
C VAL A 752 4.10 9.89 -62.41
N ALA A 753 4.19 11.11 -61.88
CA ALA A 753 4.14 12.29 -62.74
C ALA A 753 5.34 12.36 -63.67
N GLU A 754 6.53 12.05 -63.17
CA GLU A 754 7.75 12.08 -63.97
C GLU A 754 7.81 10.94 -64.98
N LYS A 755 6.93 9.93 -64.84
CA LYS A 755 6.89 8.77 -65.74
C LYS A 755 8.16 7.94 -65.63
N ALA A 756 8.62 7.73 -64.39
CA ALA A 756 9.79 6.90 -64.16
C ALA A 756 9.44 5.43 -64.34
N GLU A 757 10.46 4.65 -64.74
CA GLU A 757 10.25 3.23 -65.01
C GLU A 757 10.14 2.40 -63.74
N ARG A 758 10.75 2.84 -62.65
CA ARG A 758 10.81 2.05 -61.43
C ARG A 758 9.90 2.64 -60.36
N SER A 759 9.12 1.77 -59.72
CA SER A 759 8.32 2.18 -58.58
C SER A 759 9.19 2.23 -57.33
N PRO A 760 9.32 3.38 -56.69
CA PRO A 760 10.18 3.47 -55.50
C PRO A 760 9.58 2.71 -54.33
N VAL A 761 10.46 2.28 -53.43
CA VAL A 761 10.02 1.63 -52.19
C VAL A 761 9.37 2.69 -51.31
N THR A 762 8.16 2.39 -50.83
CA THR A 762 7.32 3.38 -50.17
C THR A 762 6.97 2.93 -48.77
N PHE A 763 6.52 3.91 -47.97
CA PHE A 763 6.13 3.67 -46.58
C PHE A 763 4.61 3.49 -46.49
N PHE A 764 4.12 2.46 -47.17
CA PHE A 764 2.72 2.04 -47.04
C PHE A 764 2.56 0.71 -46.32
N ASP A 765 3.65 0.13 -45.82
CA ASP A 765 3.54 -1.11 -45.07
C ASP A 765 3.57 -0.92 -43.57
N THR A 766 4.16 0.16 -43.06
CA THR A 766 4.29 0.29 -41.61
C THR A 766 2.95 0.60 -40.93
N PRO A 767 2.10 1.50 -41.43
CA PRO A 767 0.83 1.77 -40.73
C PRO A 767 -0.01 0.52 -40.53
N PRO A 768 -0.07 -0.41 -41.50
CA PRO A 768 -0.75 -1.69 -41.21
C PRO A 768 -0.11 -2.50 -40.09
N MET A 769 1.22 -2.49 -39.94
CA MET A 769 1.83 -3.24 -38.86
C MET A 769 2.02 -2.44 -37.58
N LEU A 770 1.87 -1.12 -37.60
CA LEU A 770 1.98 -0.37 -36.35
C LEU A 770 0.78 -0.63 -35.45
N PHE A 771 -0.42 -0.58 -36.03
CA PHE A 771 -1.63 -0.59 -35.21
C PHE A 771 -1.87 -1.95 -34.56
N VAL A 772 -1.52 -3.03 -35.26
CA VAL A 772 -1.68 -4.36 -34.68
C VAL A 772 -0.83 -4.49 -33.42
N PHE A 773 0.44 -4.10 -33.50
CA PHE A 773 1.30 -4.18 -32.34
C PHE A 773 0.88 -3.21 -31.25
N ILE A 774 0.41 -2.02 -31.62
CA ILE A 774 -0.05 -1.06 -30.61
C ILE A 774 -1.23 -1.63 -29.84
N ALA A 775 -2.24 -2.15 -30.56
CA ALA A 775 -3.42 -2.69 -29.90
C ALA A 775 -3.06 -3.91 -29.07
N LEU A 776 -2.18 -4.79 -29.57
CA LEU A 776 -1.78 -5.94 -28.80
C LEU A 776 -1.07 -5.53 -27.51
N GLY A 777 -0.18 -4.55 -27.60
CA GLY A 777 0.50 -4.08 -26.40
C GLY A 777 -0.46 -3.47 -25.39
N ARG A 778 -1.37 -2.61 -25.84
CA ARG A 778 -2.30 -1.98 -24.93
C ARG A 778 -3.36 -2.92 -24.40
N TRP A 779 -3.58 -4.06 -25.04
CA TRP A 779 -4.47 -5.07 -24.49
C TRP A 779 -3.76 -5.93 -23.45
N LEU A 780 -2.57 -6.43 -23.78
CA LEU A 780 -1.81 -7.22 -22.81
C LEU A 780 -1.46 -6.39 -21.58
N GLU A 781 -1.20 -5.09 -21.75
CA GLU A 781 -0.79 -4.27 -20.64
C GLU A 781 -1.93 -4.06 -19.65
N HIS A 782 -3.16 -3.83 -20.13
CA HIS A 782 -4.30 -3.74 -19.24
C HIS A 782 -4.64 -5.09 -18.62
N LEU A 783 -4.51 -6.18 -19.40
CA LEU A 783 -4.74 -7.51 -18.83
C LEU A 783 -3.76 -7.80 -17.70
N ALA A 784 -2.53 -7.28 -17.82
CA ALA A 784 -1.56 -7.45 -16.75
C ALA A 784 -1.84 -6.54 -15.57
N LYS A 785 -2.32 -5.32 -15.84
CA LYS A 785 -2.67 -4.42 -14.75
C LYS A 785 -3.79 -4.99 -13.89
N SER A 786 -4.79 -5.61 -14.53
CA SER A 786 -5.95 -6.09 -13.78
C SER A 786 -5.56 -7.12 -12.72
N LYS A 787 -4.42 -7.78 -12.88
CA LYS A 787 -3.96 -8.72 -11.88
C LYS A 787 -3.34 -8.06 -10.66
N THR A 788 -3.03 -6.76 -10.75
CA THR A 788 -2.44 -6.07 -9.61
C THR A 788 -3.48 -5.75 -8.53
N SER A 789 -4.73 -5.52 -8.93
CA SER A 789 -5.78 -5.13 -8.01
C SER A 789 -6.58 -6.32 -7.49
N GLU A 790 -5.96 -7.49 -7.41
CA GLU A 790 -6.68 -8.68 -6.94
C GLU A 790 -7.06 -8.56 -5.46
N ALA A 791 -6.16 -8.04 -4.64
CA ALA A 791 -6.43 -7.95 -3.20
C ALA A 791 -7.63 -7.04 -2.92
N LEU A 792 -7.64 -5.85 -3.52
CA LEU A 792 -8.76 -4.94 -3.33
C LEU A 792 -10.05 -5.52 -3.88
N ALA A 793 -9.99 -6.18 -5.05
CA ALA A 793 -11.18 -6.78 -5.60
C ALA A 793 -11.76 -7.83 -4.66
N LYS A 794 -10.90 -8.69 -4.12
CA LYS A 794 -11.36 -9.72 -3.21
C LYS A 794 -11.92 -9.14 -1.93
N LEU A 795 -11.24 -8.14 -1.36
CA LEU A 795 -11.73 -7.53 -0.12
C LEU A 795 -13.07 -6.83 -0.34
N MET A 796 -13.18 -6.05 -1.41
CA MET A 796 -14.42 -5.31 -1.66
C MET A 796 -15.58 -6.25 -1.97
N SER A 797 -15.37 -7.24 -2.83
CA SER A 797 -16.42 -8.19 -3.17
C SER A 797 -16.46 -9.35 -2.18
N LEU A 798 -16.51 -9.01 -0.91
CA LEU A 798 -16.59 -9.98 0.16
C LEU A 798 -17.70 -9.67 1.15
N GLN A 799 -18.01 -8.39 1.34
CA GLN A 799 -19.11 -8.00 2.22
C GLN A 799 -20.45 -8.41 1.59
N ALA A 800 -21.37 -8.85 2.45
CA ALA A 800 -22.68 -9.29 1.99
C ALA A 800 -23.60 -8.08 1.81
N THR A 801 -24.76 -8.34 1.21
CA THR A 801 -25.72 -7.29 0.93
C THR A 801 -27.12 -7.57 1.47
N GLU A 802 -27.34 -8.72 2.10
CA GLU A 802 -28.65 -9.06 2.65
C GLU A 802 -28.49 -9.68 4.02
N ALA A 803 -29.46 -9.42 4.90
CA ALA A 803 -29.41 -9.91 6.27
C ALA A 803 -30.79 -10.43 6.68
N THR A 804 -30.80 -11.32 7.67
CA THR A 804 -32.04 -11.93 8.16
C THR A 804 -32.41 -11.26 9.47
N VAL A 805 -33.28 -10.26 9.39
CA VAL A 805 -33.71 -9.51 10.57
C VAL A 805 -34.72 -10.35 11.35
N VAL A 806 -34.48 -10.48 12.65
CA VAL A 806 -35.37 -11.22 13.53
C VAL A 806 -35.78 -10.31 14.69
N THR A 807 -36.92 -10.66 15.31
CA THR A 807 -37.46 -9.89 16.43
C THR A 807 -37.70 -10.83 17.61
N LEU A 808 -37.27 -10.42 18.79
CA LEU A 808 -37.36 -11.24 20.00
C LEU A 808 -38.53 -10.77 20.86
N GLY A 809 -39.45 -11.68 21.16
CA GLY A 809 -40.57 -11.29 22.00
C GLY A 809 -40.21 -11.08 23.46
N GLU A 810 -40.00 -12.16 24.20
CA GLU A 810 -39.48 -12.07 25.56
C GLU A 810 -38.21 -12.89 25.76
N ASP A 811 -38.24 -14.19 25.48
CA ASP A 811 -37.08 -15.06 25.65
C ASP A 811 -36.43 -15.34 24.29
N ASN A 812 -35.94 -14.26 23.68
CA ASN A 812 -35.31 -14.26 22.36
C ASN A 812 -36.06 -15.12 21.36
N LEU A 813 -37.39 -15.18 21.49
CA LEU A 813 -38.20 -15.99 20.60
C LEU A 813 -38.42 -15.27 19.29
N ILE A 814 -38.35 -16.01 18.18
CA ILE A 814 -38.46 -15.41 16.86
C ILE A 814 -39.90 -15.00 16.62
N ILE A 815 -40.17 -13.71 16.70
CA ILE A 815 -41.51 -13.20 16.38
C ILE A 815 -41.79 -13.35 14.90
N ARG A 816 -40.85 -12.91 14.06
CA ARG A 816 -41.00 -12.95 12.61
C ARG A 816 -39.63 -12.77 11.98
N GLU A 817 -39.59 -12.79 10.65
CA GLU A 817 -38.35 -12.72 9.91
C GLU A 817 -38.50 -11.74 8.75
N GLU A 818 -37.42 -11.03 8.45
CA GLU A 818 -37.37 -10.11 7.32
C GLU A 818 -36.01 -10.20 6.64
N GLN A 819 -35.99 -9.85 5.36
CA GLN A 819 -34.75 -9.65 4.61
C GLN A 819 -34.66 -8.18 4.25
N VAL A 820 -33.57 -7.53 4.67
CA VAL A 820 -33.44 -6.09 4.50
C VAL A 820 -32.09 -5.78 3.85
N PRO A 821 -31.98 -4.76 3.02
CA PRO A 821 -30.68 -4.32 2.54
C PRO A 821 -29.90 -3.58 3.62
N MET A 822 -28.60 -3.41 3.36
CA MET A 822 -27.72 -2.79 4.35
C MET A 822 -28.04 -1.32 4.55
N GLU A 823 -28.46 -0.63 3.49
CA GLU A 823 -28.77 0.80 3.62
C GLU A 823 -30.00 1.07 4.48
N LEU A 824 -30.77 0.03 4.83
CA LEU A 824 -31.93 0.21 5.70
C LEU A 824 -31.74 -0.35 7.10
N VAL A 825 -30.82 -1.28 7.30
CA VAL A 825 -30.58 -1.82 8.64
C VAL A 825 -29.72 -0.84 9.42
N GLN A 826 -30.00 -0.71 10.71
CA GLN A 826 -29.35 0.26 11.57
C GLN A 826 -28.76 -0.44 12.80
N ARG A 827 -28.11 0.35 13.65
CA ARG A 827 -27.51 -0.17 14.87
C ARG A 827 -28.60 -0.65 15.83
N GLY A 828 -28.31 -1.74 16.55
CA GLY A 828 -29.22 -2.28 17.52
C GLY A 828 -30.15 -3.36 17.02
N ASP A 829 -30.18 -3.61 15.72
CA ASP A 829 -31.05 -4.65 15.18
C ASP A 829 -30.47 -6.03 15.47
N ILE A 830 -31.34 -7.04 15.42
CA ILE A 830 -30.98 -8.42 15.70
C ILE A 830 -31.04 -9.20 14.40
N VAL A 831 -29.96 -9.91 14.08
CA VAL A 831 -29.84 -10.64 12.83
C VAL A 831 -29.41 -12.07 13.13
N LYS A 832 -29.87 -13.00 12.30
CA LYS A 832 -29.50 -14.41 12.42
C LYS A 832 -28.75 -14.86 11.16
N VAL A 833 -27.83 -15.79 11.34
CA VAL A 833 -27.06 -16.35 10.24
C VAL A 833 -27.19 -17.87 10.28
N VAL A 834 -27.37 -18.48 9.12
CA VAL A 834 -27.43 -19.94 8.99
C VAL A 834 -26.02 -20.45 8.78
N PRO A 835 -25.74 -21.74 9.00
CA PRO A 835 -24.40 -22.26 8.70
C PRO A 835 -24.04 -22.06 7.24
N GLY A 836 -22.77 -21.72 7.01
CA GLY A 836 -22.30 -21.43 5.67
C GLY A 836 -22.57 -20.04 5.17
N GLY A 837 -23.13 -19.16 6.00
CA GLY A 837 -23.45 -17.81 5.61
C GLY A 837 -22.54 -16.81 6.28
N LYS A 838 -22.29 -15.70 5.59
CA LYS A 838 -21.43 -14.65 6.11
C LYS A 838 -22.17 -13.80 7.13
N PHE A 839 -21.42 -13.25 8.09
CA PHE A 839 -21.97 -12.27 9.01
C PHE A 839 -22.08 -10.93 8.31
N PRO A 840 -23.26 -10.35 8.19
CA PRO A 840 -23.40 -9.11 7.43
C PRO A 840 -22.94 -7.88 8.18
N VAL A 841 -23.04 -7.90 9.51
CA VAL A 841 -22.73 -6.73 10.33
C VAL A 841 -21.92 -7.17 11.54
N ASP A 842 -20.98 -6.32 11.96
CA ASP A 842 -20.29 -6.53 13.21
C ASP A 842 -21.27 -6.43 14.38
N GLY A 843 -20.99 -7.18 15.43
CA GLY A 843 -21.90 -7.17 16.58
C GLY A 843 -21.39 -8.07 17.68
N LYS A 844 -22.27 -8.27 18.67
CA LYS A 844 -21.97 -9.05 19.86
C LYS A 844 -22.73 -10.37 19.80
N VAL A 845 -22.06 -11.47 20.12
CA VAL A 845 -22.69 -12.78 20.10
C VAL A 845 -23.67 -12.86 21.26
N LEU A 846 -24.92 -13.25 20.96
CA LEU A 846 -25.96 -13.32 21.98
C LEU A 846 -26.08 -14.73 22.55
N GLU A 847 -26.34 -15.72 21.70
CA GLU A 847 -26.48 -17.10 22.17
C GLU A 847 -25.96 -18.04 21.09
N GLY A 848 -25.57 -19.24 21.53
CA GLY A 848 -25.12 -20.26 20.58
C GLY A 848 -23.60 -20.36 20.55
N ASN A 849 -23.11 -21.59 20.53
CA ASN A 849 -21.68 -21.86 20.42
C ASN A 849 -21.37 -22.26 18.97
N THR A 850 -20.37 -21.61 18.39
CA THR A 850 -19.98 -21.88 17.02
C THR A 850 -18.52 -21.44 16.85
N MET A 851 -18.04 -21.49 15.61
CA MET A 851 -16.69 -21.06 15.29
C MET A 851 -16.66 -20.64 13.83
N ALA A 852 -15.85 -19.63 13.52
CA ALA A 852 -15.76 -19.08 12.19
C ALA A 852 -14.31 -18.77 11.85
N ASP A 853 -14.01 -18.72 10.55
CA ASP A 853 -12.68 -18.43 10.06
C ASP A 853 -12.73 -17.16 9.22
N GLU A 854 -11.73 -16.31 9.40
CA GLU A 854 -11.63 -15.03 8.70
C GLU A 854 -10.27 -14.91 8.02
N SER A 855 -9.81 -15.99 7.39
CA SER A 855 -8.51 -15.97 6.73
C SER A 855 -8.44 -14.94 5.61
N LEU A 856 -9.59 -14.54 5.06
CA LEU A 856 -9.63 -13.52 4.02
C LEU A 856 -9.71 -12.11 4.57
N ILE A 857 -9.71 -11.96 5.89
CA ILE A 857 -9.82 -10.63 6.50
C ILE A 857 -8.56 -10.32 7.30
N THR A 858 -8.27 -11.13 8.31
CA THR A 858 -7.10 -10.94 9.15
C THR A 858 -5.91 -11.76 8.71
N GLY A 859 -6.10 -12.78 7.88
CA GLY A 859 -5.02 -13.55 7.32
C GLY A 859 -4.61 -14.77 8.11
N GLU A 860 -5.13 -14.93 9.33
CA GLU A 860 -4.80 -16.09 10.14
C GLU A 860 -5.41 -17.36 9.55
N ALA A 861 -4.77 -18.51 9.80
CA ALA A 861 -5.26 -19.77 9.28
C ALA A 861 -6.19 -20.49 10.24
N MET A 862 -5.90 -20.49 11.53
CA MET A 862 -6.73 -21.20 12.50
C MET A 862 -8.07 -20.50 12.66
N PRO A 863 -9.17 -21.25 12.54
CA PRO A 863 -10.50 -20.66 12.73
C PRO A 863 -10.80 -20.41 14.19
N VAL A 864 -11.19 -19.18 14.54
CA VAL A 864 -11.42 -18.82 15.92
C VAL A 864 -12.74 -19.43 16.40
N THR A 865 -12.79 -19.78 17.68
CA THR A 865 -14.00 -20.29 18.31
C THR A 865 -14.72 -19.15 19.03
N LYS A 866 -16.04 -19.14 18.92
CA LYS A 866 -16.86 -18.05 19.45
C LYS A 866 -17.92 -18.58 20.38
N LYS A 867 -18.18 -17.85 21.45
CA LYS A 867 -19.15 -18.19 22.47
C LYS A 867 -20.08 -17.01 22.71
N PRO A 868 -21.27 -17.24 23.26
CA PRO A 868 -22.20 -16.13 23.52
C PRO A 868 -21.57 -15.06 24.40
N GLY A 869 -21.53 -13.83 23.88
CA GLY A 869 -20.87 -12.73 24.55
C GLY A 869 -19.56 -12.28 23.92
N SER A 870 -19.18 -12.84 22.77
CA SER A 870 -17.96 -12.45 22.09
C SER A 870 -18.31 -11.54 20.91
N THR A 871 -17.30 -11.20 20.11
CA THR A 871 -17.47 -10.30 18.97
C THR A 871 -17.28 -11.07 17.67
N VAL A 872 -17.84 -10.53 16.59
CA VAL A 872 -17.76 -11.13 15.27
C VAL A 872 -17.27 -10.08 14.28
N ILE A 873 -16.80 -10.56 13.13
CA ILE A 873 -16.28 -9.72 12.07
C ILE A 873 -17.21 -9.82 10.87
N ALA A 874 -17.61 -8.66 10.34
CA ALA A 874 -18.52 -8.61 9.19
C ALA A 874 -17.77 -9.06 7.95
N GLY A 875 -17.93 -10.33 7.59
CA GLY A 875 -17.23 -10.89 6.45
C GLY A 875 -16.79 -12.32 6.66
N SER A 876 -16.70 -12.74 7.92
CA SER A 876 -16.36 -14.11 8.22
C SER A 876 -17.53 -15.04 7.88
N ILE A 877 -17.22 -16.32 7.73
CA ILE A 877 -18.19 -17.32 7.29
C ILE A 877 -18.51 -18.23 8.46
N ASN A 878 -19.80 -18.36 8.78
CA ASN A 878 -20.25 -19.21 9.87
C ASN A 878 -20.22 -20.67 9.43
N ALA A 879 -19.93 -21.56 10.40
CA ALA A 879 -19.82 -22.98 10.12
C ALA A 879 -20.83 -23.82 10.89
N HIS A 880 -20.97 -23.60 12.19
CA HIS A 880 -21.79 -24.45 13.04
C HIS A 880 -23.07 -23.72 13.45
N GLY A 881 -24.22 -24.33 13.13
CA GLY A 881 -25.49 -23.88 13.67
C GLY A 881 -25.92 -22.48 13.30
N SER A 882 -27.05 -22.05 13.87
CA SER A 882 -27.58 -20.72 13.66
C SER A 882 -27.41 -19.89 14.92
N VAL A 883 -26.94 -18.65 14.76
CA VAL A 883 -26.60 -17.79 15.88
C VAL A 883 -27.26 -16.43 15.67
N LEU A 884 -27.79 -15.87 16.75
CA LEU A 884 -28.37 -14.53 16.74
C LEU A 884 -27.39 -13.57 17.39
N ILE A 885 -27.19 -12.40 16.77
CA ILE A 885 -26.30 -11.38 17.29
C ILE A 885 -26.99 -10.02 17.20
N LYS A 886 -26.56 -9.09 18.05
CA LYS A 886 -27.08 -7.73 18.03
C LYS A 886 -26.10 -6.83 17.28
N ALA A 887 -26.62 -6.08 16.31
CA ALA A 887 -25.76 -5.28 15.45
C ALA A 887 -25.14 -4.12 16.23
N THR A 888 -23.84 -3.92 16.04
CA THR A 888 -23.13 -2.79 16.65
C THR A 888 -22.59 -1.83 15.60
N HIS A 889 -21.83 -2.33 14.62
CA HIS A 889 -21.29 -1.50 13.54
C HIS A 889 -21.91 -1.95 12.23
N VAL A 890 -22.56 -1.03 11.53
CA VAL A 890 -23.21 -1.31 10.25
C VAL A 890 -22.70 -0.31 9.23
N GLY A 891 -22.32 -0.79 8.06
CA GLY A 891 -21.92 0.08 6.97
C GLY A 891 -20.46 0.47 6.99
N ASN A 892 -20.18 1.77 6.88
CA ASN A 892 -18.80 2.25 6.85
C ASN A 892 -18.10 2.07 8.19
N ASP A 893 -18.84 1.76 9.25
CA ASP A 893 -18.23 1.58 10.56
C ASP A 893 -17.63 0.19 10.75
N THR A 894 -17.92 -0.75 9.86
CA THR A 894 -17.41 -2.10 10.02
C THR A 894 -15.90 -2.13 9.77
N THR A 895 -15.27 -3.19 10.30
CA THR A 895 -13.82 -3.32 10.17
C THR A 895 -13.40 -3.48 8.71
N LEU A 896 -14.17 -4.24 7.93
CA LEU A 896 -13.82 -4.48 6.53
C LEU A 896 -13.83 -3.18 5.73
N ALA A 897 -14.84 -2.34 5.95
CA ALA A 897 -14.90 -1.06 5.25
C ALA A 897 -13.71 -0.18 5.62
N GLN A 898 -13.34 -0.16 6.89
CA GLN A 898 -12.19 0.63 7.31
C GLN A 898 -10.90 0.11 6.69
N ILE A 899 -10.73 -1.21 6.61
CA ILE A 899 -9.55 -1.78 5.99
C ILE A 899 -9.49 -1.39 4.52
N VAL A 900 -10.63 -1.51 3.82
CA VAL A 900 -10.67 -1.17 2.41
C VAL A 900 -10.32 0.30 2.19
N LYS A 901 -10.89 1.17 3.02
CA LYS A 901 -10.59 2.60 2.89
C LYS A 901 -9.12 2.88 3.17
N LEU A 902 -8.56 2.26 4.21
CA LEU A 902 -7.16 2.50 4.52
C LEU A 902 -6.27 2.08 3.37
N VAL A 903 -6.56 0.92 2.76
CA VAL A 903 -5.74 0.48 1.64
C VAL A 903 -5.95 1.39 0.42
N GLU A 904 -7.17 1.92 0.26
CA GLU A 904 -7.42 2.82 -0.87
C GLU A 904 -6.59 4.09 -0.76
N GLU A 905 -6.64 4.78 0.38
CA GLU A 905 -5.76 5.95 0.52
C GLU A 905 -4.32 5.59 0.86
N ALA A 906 -3.99 4.29 0.94
CA ALA A 906 -2.58 3.93 1.00
C ALA A 906 -1.85 4.31 -0.28
N GLN A 907 -2.52 4.18 -1.43
CA GLN A 907 -1.94 4.57 -2.71
C GLN A 907 -2.27 6.02 -3.04
N MET A 908 -2.02 6.92 -2.11
CA MET A 908 -2.23 8.35 -2.35
C MET A 908 -1.01 9.19 -1.98
N SER A 909 -0.30 8.83 -0.91
CA SER A 909 0.88 9.57 -0.47
C SER A 909 2.06 9.12 -1.31
N LYS A 910 2.26 9.80 -2.43
CA LYS A 910 3.35 9.43 -3.34
C LYS A 910 4.70 9.77 -2.74
N ALA A 911 5.66 8.85 -2.92
CA ALA A 911 7.00 9.05 -2.40
C ALA A 911 7.74 10.11 -3.20
N PRO A 912 8.82 10.68 -2.63
CA PRO A 912 9.61 11.65 -3.41
C PRO A 912 10.16 11.08 -4.71
N ILE A 913 10.58 9.82 -4.72
CA ILE A 913 11.02 9.20 -5.97
C ILE A 913 9.86 9.09 -6.94
N GLN A 914 8.66 8.78 -6.42
CA GLN A 914 7.47 8.77 -7.26
C GLN A 914 7.16 10.16 -7.82
N GLN A 915 7.36 11.19 -7.01
CA GLN A 915 7.15 12.56 -7.49
C GLN A 915 8.15 12.92 -8.58
N LEU A 916 9.42 12.51 -8.42
CA LEU A 916 10.40 12.73 -9.47
C LEU A 916 10.02 12.00 -10.75
N ALA A 917 9.55 10.76 -10.63
CA ALA A 917 9.13 10.02 -11.81
C ALA A 917 7.94 10.71 -12.49
N ASP A 918 7.04 11.31 -11.70
CA ASP A 918 5.97 12.10 -12.30
C ASP A 918 6.52 13.32 -13.03
N ARG A 919 7.53 13.97 -12.45
CA ARG A 919 8.08 15.17 -13.05
C ARG A 919 8.79 14.86 -14.37
N PHE A 920 9.55 13.76 -14.41
CA PHE A 920 10.29 13.38 -15.60
C PHE A 920 9.39 12.97 -16.75
N SER A 921 8.22 12.37 -16.47
CA SER A 921 7.35 11.88 -17.53
C SER A 921 6.39 12.95 -18.05
N GLY A 922 6.46 14.17 -17.53
CA GLY A 922 5.68 15.25 -18.09
C GLY A 922 6.47 16.00 -19.16
N TYR A 923 7.78 15.79 -19.16
CA TYR A 923 8.69 16.41 -20.12
C TYR A 923 9.38 15.37 -20.98
N PHE A 924 8.61 14.39 -21.46
CA PHE A 924 9.16 13.29 -22.25
C PHE A 924 8.77 13.36 -23.72
N VAL A 925 7.48 13.49 -24.02
CA VAL A 925 7.04 13.54 -25.41
C VAL A 925 7.70 14.69 -26.18
N PRO A 926 7.73 15.93 -25.69
CA PRO A 926 8.45 16.97 -26.42
C PRO A 926 9.92 16.65 -26.63
N PHE A 927 10.57 16.02 -25.64
CA PHE A 927 11.97 15.62 -25.82
C PHE A 927 12.11 14.64 -26.97
N ILE A 928 11.20 13.66 -27.06
CA ILE A 928 11.27 12.69 -28.14
C ILE A 928 11.03 13.36 -29.49
N ILE A 929 10.07 14.28 -29.56
CA ILE A 929 9.81 14.97 -30.83
C ILE A 929 11.01 15.80 -31.26
N ILE A 930 11.63 16.51 -30.31
CA ILE A 930 12.83 17.28 -30.64
C ILE A 930 13.95 16.37 -31.11
N MET A 931 14.15 15.24 -30.44
CA MET A 931 15.20 14.31 -30.85
C MET A 931 14.95 13.77 -32.25
N SER A 932 13.69 13.43 -32.55
CA SER A 932 13.36 12.93 -33.87
C SER A 932 13.62 13.97 -34.96
N THR A 933 13.19 15.21 -34.72
CA THR A 933 13.41 16.25 -35.71
C THR A 933 14.89 16.53 -35.90
N LEU A 934 15.64 16.55 -34.80
CA LEU A 934 17.09 16.75 -34.90
C LEU A 934 17.74 15.63 -35.69
N THR A 935 17.33 14.38 -35.45
CA THR A 935 17.88 13.26 -36.20
C THR A 935 17.59 13.39 -37.69
N LEU A 936 16.34 13.75 -38.03
CA LEU A 936 15.99 13.92 -39.43
C LEU A 936 16.86 14.98 -40.09
N VAL A 937 16.97 16.15 -39.46
CA VAL A 937 17.72 17.25 -40.06
C VAL A 937 19.20 16.90 -40.18
N VAL A 938 19.76 16.27 -39.14
CA VAL A 938 21.20 15.98 -39.18
C VAL A 938 21.50 14.92 -40.22
N TRP A 939 20.62 13.93 -40.39
CA TRP A 939 20.85 12.93 -41.41
C TRP A 939 20.75 13.54 -42.80
N ILE A 940 19.76 14.40 -43.03
CA ILE A 940 19.65 15.06 -44.33
C ILE A 940 20.90 15.88 -44.63
N VAL A 941 21.36 16.66 -43.66
CA VAL A 941 22.48 17.57 -43.93
C VAL A 941 23.77 16.77 -44.13
N ILE A 942 23.98 15.73 -43.32
CA ILE A 942 25.21 14.95 -43.46
C ILE A 942 25.21 14.18 -44.77
N GLY A 943 24.04 13.70 -45.22
CA GLY A 943 23.98 13.04 -46.52
C GLY A 943 24.23 14.01 -47.66
N PHE A 944 23.64 15.20 -47.59
CA PHE A 944 23.74 16.15 -48.69
C PHE A 944 25.09 16.85 -48.75
N ILE A 945 25.82 16.95 -47.63
CA ILE A 945 27.06 17.72 -47.63
C ILE A 945 28.25 16.79 -47.86
N ASP A 946 28.44 15.81 -46.98
CA ASP A 946 29.55 14.86 -47.08
C ASP A 946 28.95 13.48 -47.32
N PHE A 947 28.73 13.15 -48.60
CA PHE A 947 28.18 11.85 -48.95
C PHE A 947 29.18 10.73 -48.75
N GLY A 948 30.47 11.04 -48.59
CA GLY A 948 31.48 10.00 -48.52
C GLY A 948 31.30 9.07 -47.33
N VAL A 949 30.99 9.62 -46.16
CA VAL A 949 30.90 8.81 -44.95
C VAL A 949 29.78 7.78 -45.08
N VAL A 950 28.62 8.20 -45.59
CA VAL A 950 27.50 7.28 -45.71
C VAL A 950 27.72 6.30 -46.86
N GLN A 951 28.30 6.77 -47.97
CA GLN A 951 28.53 5.84 -49.08
C GLN A 951 29.62 4.83 -48.75
N ARG A 952 30.46 5.11 -47.75
CA ARG A 952 31.35 4.08 -47.23
C ARG A 952 30.57 2.87 -46.74
N TYR A 953 29.32 3.07 -46.34
CA TYR A 953 28.44 1.99 -45.91
C TYR A 953 27.26 1.76 -46.86
N PHE A 954 27.10 2.61 -47.86
CA PHE A 954 26.17 2.39 -48.97
C PHE A 954 26.94 2.61 -50.26
N PRO A 955 27.83 1.67 -50.62
CA PRO A 955 28.69 1.89 -51.79
C PRO A 955 28.01 1.59 -53.11
N ASN A 956 26.92 0.84 -53.08
CA ASN A 956 26.28 0.39 -54.32
C ASN A 956 25.69 1.54 -55.13
N PRO A 957 26.13 1.74 -56.38
CA PRO A 957 25.52 2.75 -57.24
C PRO A 957 24.30 2.19 -57.97
N ASN A 958 23.13 2.75 -57.67
CA ASN A 958 21.89 2.31 -58.28
C ASN A 958 21.46 3.30 -59.36
N LYS A 959 21.26 2.79 -60.57
CA LYS A 959 20.74 3.62 -61.65
C LYS A 959 19.25 3.91 -61.48
N HIS A 960 18.50 2.98 -60.88
CA HIS A 960 17.07 3.15 -60.74
C HIS A 960 16.74 4.33 -59.82
N ILE A 961 17.48 4.49 -58.73
CA ILE A 961 17.31 5.60 -57.80
C ILE A 961 18.66 6.24 -57.54
N SER A 962 18.73 7.56 -57.71
CA SER A 962 19.98 8.26 -57.48
C SER A 962 20.29 8.35 -55.99
N GLN A 963 21.57 8.58 -55.68
CA GLN A 963 22.01 8.58 -54.29
C GLN A 963 21.37 9.71 -53.47
N THR A 964 20.79 10.71 -54.12
CA THR A 964 20.08 11.75 -53.38
C THR A 964 18.85 11.20 -52.69
N GLU A 965 18.11 10.36 -53.41
CA GLU A 965 16.86 9.77 -52.94
C GLU A 965 17.01 8.65 -51.91
N VAL A 966 18.22 8.15 -51.69
CA VAL A 966 18.41 7.09 -50.71
C VAL A 966 18.70 7.74 -49.37
N ILE A 967 19.38 8.88 -49.39
CA ILE A 967 19.65 9.61 -48.16
C ILE A 967 18.35 10.10 -47.53
N ILE A 968 17.45 10.64 -48.35
CA ILE A 968 16.18 11.13 -47.82
C ILE A 968 15.35 9.99 -47.25
N ARG A 969 15.30 8.85 -47.96
CA ARG A 969 14.54 7.71 -47.47
C ARG A 969 15.13 7.19 -46.16
N PHE A 970 16.46 7.11 -46.07
CA PHE A 970 17.08 6.66 -44.83
C PHE A 970 16.80 7.63 -43.69
N ALA A 971 16.88 8.93 -43.96
CA ALA A 971 16.61 9.92 -42.91
C ALA A 971 15.18 9.82 -42.42
N PHE A 972 14.22 9.67 -43.33
CA PHE A 972 12.83 9.53 -42.92
C PHE A 972 12.60 8.25 -42.12
N GLN A 973 13.19 7.13 -42.56
CA GLN A 973 13.02 5.88 -41.84
C GLN A 973 13.59 5.98 -40.43
N THR A 974 14.79 6.55 -40.30
CA THR A 974 15.41 6.65 -38.98
C THR A 974 14.81 7.74 -38.11
N SER A 975 14.09 8.70 -38.69
CA SER A 975 13.37 9.69 -37.90
C SER A 975 11.97 9.22 -37.52
N ILE A 976 11.42 8.23 -38.21
CA ILE A 976 10.16 7.62 -37.82
C ILE A 976 10.38 6.52 -36.79
N THR A 977 11.40 5.68 -36.96
CA THR A 977 11.66 4.63 -35.98
C THR A 977 12.00 5.20 -34.61
N VAL A 978 12.64 6.36 -34.56
CA VAL A 978 13.06 6.91 -33.27
C VAL A 978 11.86 7.36 -32.45
N LEU A 979 10.86 7.97 -33.09
CA LEU A 979 9.67 8.38 -32.36
C LEU A 979 8.60 7.29 -32.33
N CYS A 980 8.85 6.16 -32.98
CA CYS A 980 7.96 5.02 -32.87
C CYS A 980 8.43 3.99 -31.84
N ILE A 981 9.57 4.24 -31.19
CA ILE A 981 10.14 3.27 -30.27
C ILE A 981 10.10 3.75 -28.82
N ALA A 982 9.85 5.03 -28.58
CA ALA A 982 9.77 5.54 -27.21
C ALA A 982 8.55 4.98 -26.51
N SER A 983 8.72 4.67 -25.22
CA SER A 983 7.65 4.08 -24.39
C SER A 983 7.49 4.92 -23.13
N PRO A 984 6.78 6.04 -23.21
CA PRO A 984 6.53 6.83 -21.98
C PRO A 984 5.75 6.09 -20.93
N SER A 985 4.84 5.21 -21.33
CA SER A 985 4.00 4.51 -20.36
C SER A 985 4.83 3.62 -19.45
N SER A 986 5.81 2.91 -20.01
CA SER A 986 6.65 2.04 -19.20
C SER A 986 7.39 2.80 -18.13
N LEU A 987 7.77 4.05 -18.41
CA LEU A 987 8.37 4.88 -17.38
C LEU A 987 7.34 5.40 -16.40
N GLY A 988 6.13 5.69 -16.88
CA GLY A 988 5.08 6.22 -16.03
C GLY A 988 4.58 5.28 -14.95
N LEU A 989 4.32 4.03 -15.33
CA LEU A 989 3.69 3.06 -14.42
C LEU A 989 4.69 2.08 -13.79
N ALA A 990 5.98 2.43 -13.77
CA ALA A 990 6.96 1.53 -13.18
C ALA A 990 6.75 1.35 -11.69
N THR A 991 6.68 2.47 -10.96
CA THR A 991 6.54 2.46 -9.50
C THR A 991 5.12 2.25 -8.96
N PRO A 992 4.06 2.83 -9.54
CA PRO A 992 2.74 2.67 -8.91
C PRO A 992 2.28 1.22 -8.83
N THR A 993 2.55 0.42 -9.86
CA THR A 993 2.14 -0.99 -9.84
C THR A 993 2.88 -1.75 -8.74
N ALA A 994 4.19 -1.51 -8.62
CA ALA A 994 4.95 -2.16 -7.56
C ALA A 994 4.42 -1.76 -6.19
N VAL A 995 4.11 -0.47 -6.00
CA VAL A 995 3.59 -0.01 -4.72
C VAL A 995 2.26 -0.69 -4.41
N MET A 996 1.36 -0.75 -5.41
CA MET A 996 0.05 -1.36 -5.20
C MET A 996 0.19 -2.85 -4.86
N VAL A 997 1.03 -3.57 -5.59
CA VAL A 997 1.19 -5.00 -5.34
C VAL A 997 1.79 -5.23 -3.96
N GLY A 998 2.78 -4.43 -3.58
CA GLY A 998 3.36 -4.58 -2.25
C GLY A 998 2.35 -4.33 -1.14
N THR A 999 1.58 -3.25 -1.26
CA THR A 999 0.58 -2.96 -0.23
C THR A 999 -0.48 -4.05 -0.16
N GLY A 1000 -0.92 -4.56 -1.32
CA GLY A 1000 -1.92 -5.62 -1.31
C GLY A 1000 -1.41 -6.91 -0.70
N VAL A 1001 -0.19 -7.31 -1.06
CA VAL A 1001 0.35 -8.55 -0.53
C VAL A 1001 0.66 -8.40 0.95
N ALA A 1002 0.92 -7.18 1.43
CA ALA A 1002 1.02 -6.96 2.85
C ALA A 1002 -0.34 -7.08 3.53
N ALA A 1003 -1.35 -6.42 2.96
CA ALA A 1003 -2.67 -6.41 3.57
C ALA A 1003 -3.27 -7.80 3.65
N GLN A 1004 -2.95 -8.67 2.70
CA GLN A 1004 -3.42 -10.05 2.77
C GLN A 1004 -2.66 -10.91 3.78
N ASN A 1005 -1.81 -10.29 4.62
CA ASN A 1005 -1.06 -11.05 5.61
C ASN A 1005 -1.14 -10.44 7.01
N GLY A 1006 -2.14 -9.61 7.28
CA GLY A 1006 -2.28 -8.96 8.57
C GLY A 1006 -1.62 -7.61 8.66
N ILE A 1007 -0.38 -7.50 8.15
CA ILE A 1007 0.29 -6.21 8.13
C ILE A 1007 -0.49 -5.27 7.22
N LEU A 1008 -0.72 -4.05 7.70
CA LEU A 1008 -1.67 -3.14 7.06
C LEU A 1008 -0.98 -1.80 6.77
N ILE A 1009 0.19 -1.87 6.13
CA ILE A 1009 0.98 -0.71 5.76
C ILE A 1009 0.13 0.31 5.03
N LYS A 1010 0.20 1.57 5.47
CA LYS A 1010 -0.55 2.66 4.86
C LYS A 1010 0.43 3.69 4.30
N GLY A 1011 0.05 4.32 3.19
CA GLY A 1011 0.85 5.35 2.59
C GLY A 1011 2.09 4.84 1.86
N GLY A 1012 2.57 5.63 0.88
CA GLY A 1012 3.77 5.24 0.17
C GLY A 1012 5.05 5.71 0.82
N LYS A 1013 4.99 6.79 1.58
CA LYS A 1013 6.17 7.27 2.29
C LYS A 1013 6.68 6.27 3.34
N PRO A 1014 5.85 5.64 4.17
CA PRO A 1014 6.38 4.65 5.12
C PRO A 1014 7.02 3.45 4.45
N LEU A 1015 6.70 3.20 3.17
CA LEU A 1015 7.35 2.10 2.46
C LEU A 1015 8.86 2.28 2.41
N GLU A 1016 9.32 3.46 1.97
CA GLU A 1016 10.74 3.73 1.94
C GLU A 1016 11.27 4.26 3.27
N MET A 1017 10.39 4.69 4.17
CA MET A 1017 10.84 5.08 5.50
C MET A 1017 11.42 3.88 6.25
N ALA A 1018 10.76 2.72 6.15
CA ALA A 1018 11.21 1.54 6.87
C ALA A 1018 12.53 1.00 6.33
N HIS A 1019 12.93 1.43 5.12
CA HIS A 1019 14.19 0.95 4.54
C HIS A 1019 15.39 1.40 5.35
N LYS A 1020 15.38 2.65 5.84
CA LYS A 1020 16.55 3.26 6.43
C LYS A 1020 16.45 3.44 7.95
N ILE A 1021 15.47 2.83 8.59
CA ILE A 1021 15.36 2.93 10.04
C ILE A 1021 16.44 2.09 10.70
N LYS A 1022 17.09 2.64 11.71
CA LYS A 1022 18.18 1.97 12.40
C LYS A 1022 17.86 1.64 13.85
N THR A 1023 16.93 2.36 14.47
CA THR A 1023 16.56 2.12 15.87
C THR A 1023 15.07 1.87 15.96
N VAL A 1024 14.68 0.81 16.68
CA VAL A 1024 13.29 0.48 16.94
C VAL A 1024 13.05 0.62 18.44
N MET A 1025 11.83 0.98 18.81
CA MET A 1025 11.50 1.30 20.19
C MET A 1025 10.23 0.56 20.60
N PHE A 1026 10.30 -0.19 21.70
CA PHE A 1026 9.20 -1.00 22.20
C PHE A 1026 8.72 -0.48 23.54
N ALA A 1027 7.40 -0.37 23.70
CA ALA A 1027 6.80 -0.19 25.00
C ALA A 1027 6.66 -1.54 25.69
N LYS A 1028 6.35 -1.51 26.99
CA LYS A 1028 6.37 -2.74 27.79
C LYS A 1028 5.01 -3.44 27.83
N THR A 1029 4.00 -2.77 28.36
CA THR A 1029 2.70 -3.41 28.55
C THR A 1029 1.90 -3.38 27.26
N GLY A 1030 1.30 -4.52 26.92
CA GLY A 1030 0.50 -4.64 25.71
C GLY A 1030 1.30 -4.79 24.44
N THR A 1031 2.62 -4.66 24.49
CA THR A 1031 3.47 -4.79 23.31
C THR A 1031 4.47 -5.94 23.45
N ILE A 1032 5.20 -5.99 24.57
CA ILE A 1032 6.16 -7.06 24.80
C ILE A 1032 5.48 -8.20 25.53
N THR A 1033 4.72 -7.88 26.57
CA THR A 1033 4.07 -8.85 27.42
C THR A 1033 2.60 -9.02 27.03
N HIS A 1034 1.95 -10.01 27.64
CA HIS A 1034 0.59 -10.37 27.27
C HIS A 1034 -0.41 -9.27 27.58
N GLY A 1035 -0.20 -8.50 28.65
CA GLY A 1035 -1.06 -7.39 28.96
C GLY A 1035 -2.21 -7.68 29.91
N VAL A 1036 -2.44 -8.94 30.27
CA VAL A 1036 -3.48 -9.27 31.24
C VAL A 1036 -2.82 -9.85 32.49
N PRO A 1037 -2.56 -9.02 33.50
CA PRO A 1037 -1.72 -9.46 34.61
C PRO A 1037 -2.39 -10.50 35.50
N ARG A 1038 -1.57 -11.39 36.06
CA ARG A 1038 -1.99 -12.41 36.99
C ARG A 1038 -1.44 -12.11 38.37
N VAL A 1039 -2.30 -12.18 39.39
CA VAL A 1039 -1.91 -11.90 40.75
C VAL A 1039 -1.22 -13.14 41.31
N MET A 1040 0.02 -12.96 41.77
CA MET A 1040 0.78 -14.10 42.29
C MET A 1040 0.35 -14.44 43.71
N ARG A 1041 0.54 -13.52 44.65
CA ARG A 1041 0.14 -13.74 46.03
C ARG A 1041 0.03 -12.41 46.75
N VAL A 1042 -0.65 -12.44 47.88
CA VAL A 1042 -0.86 -11.27 48.74
C VAL A 1042 -0.14 -11.51 50.06
N LEU A 1043 0.74 -10.59 50.42
CA LEU A 1043 1.45 -10.65 51.69
C LEU A 1043 0.95 -9.54 52.60
N LEU A 1044 0.97 -9.82 53.90
CA LEU A 1044 0.54 -8.88 54.92
C LEU A 1044 1.73 -8.48 55.78
N LEU A 1045 1.88 -7.18 56.00
CA LEU A 1045 2.98 -6.66 56.81
C LEU A 1045 2.54 -6.07 58.14
N GLY A 1046 1.31 -5.54 58.23
CA GLY A 1046 0.84 -4.93 59.46
C GLY A 1046 0.25 -5.93 60.44
N ASP A 1047 -0.91 -5.59 61.00
CA ASP A 1047 -1.58 -6.45 61.96
C ASP A 1047 -2.47 -7.47 61.25
N VAL A 1048 -2.77 -8.56 61.96
CA VAL A 1048 -3.61 -9.62 61.43
C VAL A 1048 -5.00 -9.60 62.07
N ALA A 1049 -5.08 -9.30 63.37
CA ALA A 1049 -6.37 -9.32 64.06
C ALA A 1049 -7.25 -8.18 63.58
N THR A 1050 -6.81 -6.93 63.79
CA THR A 1050 -7.59 -5.78 63.34
C THR A 1050 -7.54 -5.57 61.84
N LEU A 1051 -6.59 -6.21 61.15
CA LEU A 1051 -6.47 -6.13 59.70
C LEU A 1051 -6.36 -7.54 59.14
N PRO A 1052 -7.44 -8.30 59.13
CA PRO A 1052 -7.42 -9.64 58.52
C PRO A 1052 -7.31 -9.53 57.01
N LEU A 1053 -7.08 -10.69 56.38
CA LEU A 1053 -6.99 -10.71 54.92
C LEU A 1053 -8.27 -10.19 54.28
N ARG A 1054 -9.43 -10.64 54.77
CA ARG A 1054 -10.69 -10.27 54.16
C ARG A 1054 -10.86 -8.75 54.12
N LYS A 1055 -10.55 -8.09 55.25
CA LYS A 1055 -10.71 -6.65 55.34
C LYS A 1055 -9.82 -5.92 54.33
N VAL A 1056 -8.52 -6.24 54.32
CA VAL A 1056 -7.60 -5.49 53.47
C VAL A 1056 -7.91 -5.73 52.00
N LEU A 1057 -8.14 -6.98 51.61
CA LEU A 1057 -8.47 -7.24 50.20
C LEU A 1057 -9.78 -6.58 49.80
N ALA A 1058 -10.79 -6.63 50.67
CA ALA A 1058 -12.06 -5.99 50.32
C ALA A 1058 -11.90 -4.49 50.15
N VAL A 1059 -11.17 -3.83 51.07
CA VAL A 1059 -11.04 -2.38 50.98
C VAL A 1059 -10.22 -1.99 49.77
N VAL A 1060 -9.15 -2.72 49.45
CA VAL A 1060 -8.35 -2.34 48.29
C VAL A 1060 -9.11 -2.60 47.00
N GLY A 1061 -9.88 -3.69 46.94
CA GLY A 1061 -10.69 -3.95 45.76
C GLY A 1061 -11.74 -2.89 45.53
N THR A 1062 -12.46 -2.52 46.60
CA THR A 1062 -13.45 -1.46 46.49
C THR A 1062 -12.81 -0.12 46.13
N ALA A 1063 -11.63 0.18 46.67
CA ALA A 1063 -10.94 1.42 46.33
C ALA A 1063 -10.55 1.45 44.86
N GLU A 1064 -10.02 0.35 44.34
CA GLU A 1064 -9.56 0.35 42.95
C GLU A 1064 -10.72 0.23 41.97
N ALA A 1065 -11.89 -0.24 42.43
CA ALA A 1065 -13.03 -0.42 41.54
C ALA A 1065 -13.38 0.87 40.79
N SER A 1066 -13.11 2.03 41.40
CA SER A 1066 -13.31 3.29 40.69
C SER A 1066 -12.36 3.42 39.49
N SER A 1067 -11.12 2.96 39.65
CA SER A 1067 -10.13 3.10 38.60
C SER A 1067 -10.32 2.05 37.51
N GLU A 1068 -9.57 2.21 36.43
CA GLU A 1068 -9.62 1.29 35.29
C GLU A 1068 -8.21 0.97 34.79
N HIS A 1069 -7.20 1.20 35.63
CA HIS A 1069 -5.83 0.93 35.23
C HIS A 1069 -5.64 -0.56 35.04
N PRO A 1070 -4.84 -0.97 34.04
CA PRO A 1070 -4.79 -2.40 33.67
C PRO A 1070 -4.41 -3.34 34.80
N LEU A 1071 -3.49 -2.96 35.68
CA LEU A 1071 -3.09 -3.88 36.74
C LEU A 1071 -4.13 -3.96 37.85
N GLY A 1072 -4.86 -2.86 38.10
CA GLY A 1072 -5.80 -2.84 39.20
C GLY A 1072 -7.06 -3.64 38.97
N VAL A 1073 -7.54 -3.69 37.73
CA VAL A 1073 -8.73 -4.49 37.44
C VAL A 1073 -8.45 -5.96 37.72
N ALA A 1074 -7.23 -6.41 37.42
CA ALA A 1074 -6.85 -7.80 37.69
C ALA A 1074 -6.90 -8.08 39.19
N VAL A 1075 -6.38 -7.17 40.01
CA VAL A 1075 -6.36 -7.43 41.45
C VAL A 1075 -7.78 -7.35 42.02
N THR A 1076 -8.63 -6.48 41.46
CA THR A 1076 -10.01 -6.42 41.93
C THR A 1076 -10.75 -7.72 41.61
N LYS A 1077 -10.62 -8.20 40.37
CA LYS A 1077 -11.29 -9.45 40.02
C LYS A 1077 -10.70 -10.62 40.79
N TYR A 1078 -9.40 -10.59 41.07
CA TYR A 1078 -8.79 -11.61 41.92
C TYR A 1078 -9.43 -11.60 43.30
N CYS A 1079 -9.54 -10.42 43.91
CA CYS A 1079 -10.16 -10.31 45.23
C CYS A 1079 -11.57 -10.86 45.21
N LYS A 1080 -12.33 -10.51 44.17
CA LYS A 1080 -13.67 -11.07 44.01
C LYS A 1080 -13.61 -12.60 44.01
N GLU A 1081 -12.64 -13.18 43.30
CA GLU A 1081 -12.66 -14.64 43.19
C GLU A 1081 -12.19 -15.35 44.45
N GLU A 1082 -11.30 -14.78 45.27
CA GLU A 1082 -11.07 -15.59 46.47
C GLU A 1082 -12.10 -15.30 47.55
N LEU A 1083 -12.56 -14.06 47.70
CA LEU A 1083 -13.53 -13.81 48.76
C LEU A 1083 -14.91 -14.36 48.44
N GLY A 1084 -15.21 -14.59 47.17
CA GLY A 1084 -16.48 -15.19 46.78
C GLY A 1084 -17.68 -14.30 46.97
N THR A 1085 -17.48 -13.01 47.25
CA THR A 1085 -18.55 -12.07 47.51
C THR A 1085 -18.79 -11.22 46.27
N GLU A 1086 -20.03 -11.17 45.81
CA GLU A 1086 -20.42 -10.39 44.64
C GLU A 1086 -20.67 -8.93 44.97
N THR A 1087 -20.71 -8.57 46.25
CA THR A 1087 -20.98 -7.20 46.66
C THR A 1087 -19.66 -6.46 46.90
N LEU A 1088 -19.78 -5.14 47.10
CA LEU A 1088 -18.63 -4.30 47.37
C LEU A 1088 -19.12 -3.05 48.08
N GLY A 1089 -18.17 -2.35 48.70
CA GLY A 1089 -18.46 -1.13 49.44
C GLY A 1089 -18.40 0.10 48.56
N TYR A 1090 -18.11 1.24 49.19
CA TYR A 1090 -18.06 2.54 48.52
C TYR A 1090 -16.69 3.17 48.71
N CYS A 1091 -16.25 3.89 47.67
CA CYS A 1091 -14.98 4.59 47.67
C CYS A 1091 -15.22 6.07 47.44
N THR A 1092 -14.51 6.91 48.19
CA THR A 1092 -14.66 8.36 48.11
C THR A 1092 -13.29 9.03 48.10
N ASP A 1093 -13.27 10.25 47.57
CA ASP A 1093 -12.06 11.06 47.48
C ASP A 1093 -10.96 10.32 46.72
N PHE A 1094 -11.34 9.72 45.59
CA PHE A 1094 -10.42 8.91 44.80
C PHE A 1094 -9.49 9.83 44.02
N GLN A 1095 -8.33 10.11 44.61
CA GLN A 1095 -7.29 10.85 43.91
C GLN A 1095 -6.51 9.88 43.03
N ALA A 1096 -6.39 10.20 41.75
CA ALA A 1096 -5.74 9.32 40.78
C ALA A 1096 -4.73 10.15 39.98
N VAL A 1097 -3.45 9.99 40.30
CA VAL A 1097 -2.37 10.68 39.60
C VAL A 1097 -1.74 9.67 38.64
N PRO A 1098 -1.82 9.89 37.33
CA PRO A 1098 -1.24 8.91 36.38
C PRO A 1098 0.25 8.74 36.59
N GLY A 1099 0.69 7.49 36.58
CA GLY A 1099 2.09 7.16 36.76
C GLY A 1099 2.62 7.29 38.17
N CYS A 1100 1.79 7.69 39.13
CA CYS A 1100 2.22 7.85 40.52
C CYS A 1100 1.50 6.91 41.46
N GLY A 1101 0.18 6.88 41.42
CA GLY A 1101 -0.59 6.02 42.30
C GLY A 1101 -1.96 6.60 42.53
N ILE A 1102 -2.67 6.01 43.50
CA ILE A 1102 -4.03 6.40 43.83
C ILE A 1102 -4.17 6.54 45.35
N GLY A 1103 -4.87 7.58 45.79
CA GLY A 1103 -5.16 7.78 47.19
C GLY A 1103 -6.61 8.11 47.42
N CYS A 1104 -7.26 7.43 48.36
CA CYS A 1104 -8.70 7.56 48.53
C CYS A 1104 -9.08 7.07 49.93
N LYS A 1105 -10.37 7.16 50.23
CA LYS A 1105 -10.95 6.66 51.47
C LYS A 1105 -12.10 5.72 51.13
N VAL A 1106 -12.23 4.65 51.92
CA VAL A 1106 -13.20 3.59 51.66
C VAL A 1106 -14.26 3.64 52.75
N SER A 1107 -15.53 3.65 52.33
CA SER A 1107 -16.67 3.61 53.23
C SER A 1107 -17.49 2.36 52.95
N ASN A 1108 -18.45 2.08 53.84
CA ASN A 1108 -19.32 0.91 53.75
C ASN A 1108 -18.49 -0.38 53.70
N VAL A 1109 -17.66 -0.56 54.72
CA VAL A 1109 -16.73 -1.69 54.76
C VAL A 1109 -17.36 -2.96 55.30
N GLU A 1110 -18.66 -2.95 55.60
CA GLU A 1110 -19.34 -4.12 56.16
C GLU A 1110 -19.94 -5.02 55.10
N GLY A 1111 -19.85 -4.64 53.82
CA GLY A 1111 -20.46 -5.44 52.78
C GLY A 1111 -19.80 -6.78 52.57
N ILE A 1112 -18.48 -6.85 52.69
CA ILE A 1112 -17.72 -8.06 52.39
C ILE A 1112 -17.19 -8.71 53.67
N LEU A 1113 -16.80 -7.91 54.66
CA LEU A 1113 -16.24 -8.45 55.90
C LEU A 1113 -17.24 -9.33 56.65
N ALA A 1114 -18.53 -9.17 56.38
CA ALA A 1114 -19.54 -9.99 57.07
C ALA A 1114 -19.51 -11.45 56.63
N HIS A 1115 -18.93 -11.74 55.47
CA HIS A 1115 -18.84 -13.12 54.99
C HIS A 1115 -17.72 -13.88 55.69
N PHE A 1144 -10.32 5.40 56.81
CA PHE A 1144 -9.88 4.37 55.87
C PHE A 1144 -9.18 5.00 54.67
N SER A 1145 -8.25 5.91 54.93
CA SER A 1145 -7.52 6.60 53.86
C SER A 1145 -6.56 5.60 53.21
N VAL A 1146 -6.95 5.08 52.05
CA VAL A 1146 -6.17 4.09 51.34
C VAL A 1146 -5.27 4.79 50.34
N LEU A 1147 -3.97 4.55 50.44
CA LEU A 1147 -2.98 5.12 49.53
C LEU A 1147 -2.26 3.98 48.82
N ILE A 1148 -2.44 3.89 47.50
CA ILE A 1148 -1.86 2.82 46.70
C ILE A 1148 -1.05 3.44 45.57
N GLY A 1149 0.19 2.99 45.42
CA GLY A 1149 1.04 3.50 44.36
C GLY A 1149 2.45 2.97 44.50
N ASN A 1150 3.33 3.53 43.69
CA ASN A 1150 4.75 3.14 43.73
C ASN A 1150 5.38 3.70 45.00
N ARG A 1151 6.70 3.49 45.15
CA ARG A 1151 7.34 3.86 46.40
C ARG A 1151 7.29 5.37 46.64
N GLU A 1152 7.53 6.16 45.58
CA GLU A 1152 7.49 7.61 45.73
C GLU A 1152 6.09 8.12 46.06
N TRP A 1153 5.07 7.33 45.74
CA TRP A 1153 3.70 7.74 46.05
C TRP A 1153 3.50 7.85 47.55
N LEU A 1154 4.06 6.90 48.31
CA LEU A 1154 4.02 6.99 49.76
C LEU A 1154 4.95 8.09 50.25
N ARG A 1155 6.03 8.36 49.51
CA ARG A 1155 6.89 9.49 49.83
C ARG A 1155 6.13 10.81 49.69
N ARG A 1156 5.29 10.93 48.67
CA ARG A 1156 4.51 12.15 48.48
C ARG A 1156 3.53 12.36 49.62
N ASN A 1157 2.92 11.28 50.11
CA ASN A 1157 1.98 11.35 51.22
C ASN A 1157 2.65 11.28 52.59
N GLY A 1158 3.99 11.32 52.63
CA GLY A 1158 4.71 11.38 53.88
C GLY A 1158 4.66 10.13 54.73
N LEU A 1159 4.91 8.96 54.14
CA LEU A 1159 4.96 7.70 54.86
C LEU A 1159 6.42 7.23 54.94
N THR A 1160 6.80 6.71 56.09
CA THR A 1160 8.20 6.48 56.42
C THR A 1160 8.81 5.36 55.56
N ILE A 1161 10.09 5.10 55.81
CA ILE A 1161 10.88 4.13 55.05
C ILE A 1161 11.36 3.05 56.01
N SER A 1162 11.05 1.79 55.68
CA SER A 1162 11.56 0.67 56.46
C SER A 1162 12.48 -0.19 55.60
N SER A 1163 13.21 -1.09 56.27
CA SER A 1163 14.16 -1.95 55.59
C SER A 1163 13.56 -3.28 55.17
N ASP A 1164 12.71 -3.88 56.01
CA ASP A 1164 12.08 -5.14 55.65
C ASP A 1164 11.18 -4.99 54.43
N VAL A 1165 10.48 -3.87 54.34
CA VAL A 1165 9.68 -3.60 53.14
C VAL A 1165 10.58 -3.36 51.93
N SER A 1166 11.74 -2.74 52.16
CA SER A 1166 12.64 -2.39 51.06
C SER A 1166 13.11 -3.62 50.29
N ASP A 1167 13.42 -4.71 50.98
CA ASP A 1167 13.77 -5.95 50.31
C ASP A 1167 12.61 -6.92 50.20
N ALA A 1168 11.39 -6.48 50.54
CA ALA A 1168 10.24 -7.37 50.47
C ALA A 1168 9.92 -7.77 49.04
N MET A 1169 9.91 -6.81 48.11
CA MET A 1169 9.60 -7.15 46.73
C MET A 1169 10.83 -7.61 45.96
N THR A 1170 12.03 -7.42 46.51
CA THR A 1170 13.24 -7.79 45.78
C THR A 1170 13.26 -9.26 45.41
N ASP A 1171 12.70 -10.12 46.27
CA ASP A 1171 12.66 -11.54 45.95
C ASP A 1171 11.84 -11.80 44.70
N HIS A 1172 10.85 -10.95 44.42
CA HIS A 1172 10.04 -11.07 43.21
C HIS A 1172 10.33 -10.01 42.17
N GLU A 1173 10.86 -8.86 42.56
CA GLU A 1173 11.03 -7.77 41.60
C GLU A 1173 12.01 -8.14 40.49
N MET A 1174 13.12 -8.80 40.85
CA MET A 1174 14.08 -9.18 39.82
C MET A 1174 13.71 -10.47 39.11
N LYS A 1175 12.60 -11.11 39.48
CA LYS A 1175 12.07 -12.24 38.73
C LYS A 1175 11.08 -11.83 37.65
N GLY A 1176 10.91 -10.53 37.44
CA GLY A 1176 10.07 -10.06 36.34
C GLY A 1176 8.63 -9.80 36.70
N GLN A 1177 8.29 -9.72 37.99
CA GLN A 1177 6.94 -9.37 38.42
C GLN A 1177 7.03 -8.15 39.33
N THR A 1178 6.33 -7.08 38.94
CA THR A 1178 6.28 -5.88 39.76
C THR A 1178 5.40 -6.12 40.98
N ALA A 1179 5.57 -5.28 41.99
CA ALA A 1179 4.88 -5.42 43.26
C ALA A 1179 4.24 -4.10 43.65
N ILE A 1180 3.03 -4.17 44.20
CA ILE A 1180 2.30 -2.99 44.67
C ILE A 1180 2.18 -3.06 46.18
N LEU A 1181 2.45 -1.94 46.85
CA LEU A 1181 2.44 -1.87 48.30
C LEU A 1181 1.16 -1.22 48.79
N VAL A 1182 0.62 -1.73 49.90
CA VAL A 1182 -0.63 -1.25 50.47
C VAL A 1182 -0.35 -0.53 51.78
N ALA A 1183 -0.97 0.64 51.95
CA ALA A 1183 -0.83 1.42 53.19
C ALA A 1183 -2.15 2.16 53.41
N ILE A 1184 -2.90 1.73 54.42
CA ILE A 1184 -4.21 2.31 54.72
C ILE A 1184 -4.11 3.04 56.05
N ASP A 1185 -4.50 4.31 56.07
CA ASP A 1185 -4.42 5.17 57.25
C ASP A 1185 -3.01 5.22 57.82
N GLY A 1186 -2.01 5.19 56.94
CA GLY A 1186 -0.63 5.21 57.37
C GLY A 1186 -0.09 3.90 57.91
N VAL A 1187 -0.87 2.81 57.80
CA VAL A 1187 -0.46 1.51 58.32
C VAL A 1187 -0.03 0.64 57.16
N LEU A 1188 1.20 0.11 57.25
CA LEU A 1188 1.78 -0.73 56.19
C LEU A 1188 1.12 -2.10 56.25
N CYS A 1189 -0.05 -2.20 55.62
CA CYS A 1189 -0.85 -3.42 55.72
C CYS A 1189 -0.15 -4.62 55.09
N GLY A 1190 0.39 -4.46 53.89
CA GLY A 1190 1.06 -5.57 53.25
C GLY A 1190 1.44 -5.27 51.81
N MET A 1191 1.83 -6.34 51.10
CA MET A 1191 2.38 -6.24 49.76
C MET A 1191 1.78 -7.33 48.88
N ILE A 1192 1.59 -7.01 47.60
CA ILE A 1192 1.02 -7.93 46.62
C ILE A 1192 1.94 -8.01 45.42
N ALA A 1193 2.20 -9.24 44.96
CA ALA A 1193 3.01 -9.48 43.78
C ALA A 1193 2.09 -9.70 42.59
N ILE A 1194 2.26 -8.89 41.55
CA ILE A 1194 1.43 -8.92 40.35
C ILE A 1194 2.34 -9.18 39.15
N ALA A 1195 1.95 -10.14 38.32
CA ALA A 1195 2.82 -10.60 37.24
C ALA A 1195 2.02 -10.68 35.94
N ASP A 1196 2.71 -10.40 34.84
CA ASP A 1196 2.17 -10.58 33.50
C ASP A 1196 3.23 -11.26 32.64
N ALA A 1197 2.83 -12.31 31.94
CA ALA A 1197 3.78 -13.15 31.24
C ALA A 1197 4.20 -12.53 29.92
N VAL A 1198 5.51 -12.47 29.68
CA VAL A 1198 6.03 -11.98 28.41
C VAL A 1198 5.70 -12.98 27.32
N LYS A 1199 5.28 -12.48 26.16
CA LYS A 1199 4.91 -13.35 25.05
C LYS A 1199 6.10 -14.14 24.55
N GLN A 1200 5.84 -15.33 24.02
CA GLN A 1200 6.91 -16.23 23.61
C GLN A 1200 7.71 -15.65 22.45
N GLU A 1201 7.04 -15.00 21.50
CA GLU A 1201 7.70 -14.47 20.31
C GLU A 1201 8.69 -13.35 20.62
N ALA A 1202 8.62 -12.75 21.81
CA ALA A 1202 9.49 -11.62 22.11
C ALA A 1202 10.96 -12.03 22.14
N ALA A 1203 11.23 -13.31 22.37
CA ALA A 1203 12.62 -13.77 22.44
C ALA A 1203 13.33 -13.66 21.11
N LEU A 1204 12.64 -13.99 20.02
CA LEU A 1204 13.25 -14.03 18.68
C LEU A 1204 13.15 -12.71 17.94
N ALA A 1205 12.01 -12.00 18.05
CA ALA A 1205 11.82 -10.77 17.30
C ALA A 1205 12.89 -9.74 17.65
N VAL A 1206 13.27 -9.67 18.92
CA VAL A 1206 14.31 -8.73 19.33
C VAL A 1206 15.66 -9.11 18.73
N HIS A 1207 15.92 -10.41 18.60
CA HIS A 1207 17.24 -10.84 18.13
C HIS A 1207 17.39 -10.63 16.63
N THR A 1208 16.32 -10.90 15.87
CA THR A 1208 16.41 -10.77 14.41
C THR A 1208 16.72 -9.34 14.00
N LEU A 1209 16.08 -8.36 14.64
CA LEU A 1209 16.37 -6.96 14.35
C LEU A 1209 17.81 -6.62 14.73
N GLN A 1210 18.30 -7.17 15.83
CA GLN A 1210 19.69 -6.95 16.22
C GLN A 1210 20.65 -7.48 15.16
N SER A 1211 20.36 -8.67 14.62
CA SER A 1211 21.17 -9.22 13.55
C SER A 1211 20.91 -8.57 12.20
N MET A 1212 19.72 -8.03 11.99
CA MET A 1212 19.39 -7.35 10.74
C MET A 1212 20.04 -5.98 10.63
N GLY A 1213 20.61 -5.47 11.72
CA GLY A 1213 21.22 -4.16 11.70
C GLY A 1213 20.40 -3.05 12.32
N VAL A 1214 19.39 -3.39 13.13
CA VAL A 1214 18.51 -2.42 13.77
C VAL A 1214 18.69 -2.54 15.27
N ASP A 1215 18.96 -1.40 15.92
CA ASP A 1215 19.11 -1.38 17.36
C ASP A 1215 17.73 -1.34 18.03
N VAL A 1216 17.69 -1.76 19.29
CA VAL A 1216 16.44 -1.90 20.02
C VAL A 1216 16.56 -1.24 21.39
N VAL A 1217 15.48 -0.56 21.80
CA VAL A 1217 15.40 0.12 23.08
C VAL A 1217 14.02 -0.09 23.66
N LEU A 1218 13.95 -0.30 24.97
CA LEU A 1218 12.71 -0.52 25.70
C LEU A 1218 12.43 0.67 26.61
N ILE A 1219 11.17 1.09 26.68
CA ILE A 1219 10.76 2.21 27.53
C ILE A 1219 9.57 1.78 28.37
N THR A 1220 9.56 2.21 29.63
CA THR A 1220 8.45 1.93 30.53
C THR A 1220 8.51 2.92 31.69
N GLY A 1221 7.42 2.99 32.44
CA GLY A 1221 7.35 3.87 33.59
C GLY A 1221 7.53 3.18 34.92
N ASP A 1222 7.79 1.88 34.88
CA ASP A 1222 7.89 1.08 36.10
C ASP A 1222 9.25 1.28 36.75
N ASN A 1223 9.51 0.54 37.83
CA ASN A 1223 10.72 0.69 38.61
C ASN A 1223 11.92 0.18 37.81
N ARG A 1224 13.12 0.64 38.19
CA ARG A 1224 14.32 0.29 37.46
C ARG A 1224 14.62 -1.21 37.58
N LYS A 1225 14.42 -1.78 38.77
CA LYS A 1225 14.70 -3.20 38.94
C LYS A 1225 13.77 -4.07 38.09
N THR A 1226 12.50 -3.68 38.01
CA THR A 1226 11.55 -4.43 37.19
C THR A 1226 11.95 -4.38 35.72
N ALA A 1227 12.35 -3.21 35.23
CA ALA A 1227 12.80 -3.10 33.85
C ALA A 1227 14.06 -3.92 33.61
N ARG A 1228 14.99 -3.93 34.56
CA ARG A 1228 16.22 -4.70 34.40
C ARG A 1228 15.94 -6.19 34.25
N ALA A 1229 15.00 -6.71 35.04
CA ALA A 1229 14.67 -8.13 34.98
C ALA A 1229 14.07 -8.50 33.63
N ILE A 1230 13.11 -7.71 33.15
CA ILE A 1230 12.42 -8.06 31.90
C ILE A 1230 13.34 -7.80 30.71
N ALA A 1231 14.28 -6.87 30.83
CA ALA A 1231 15.20 -6.60 29.72
C ALA A 1231 16.08 -7.81 29.43
N THR A 1232 16.61 -8.44 30.47
CA THR A 1232 17.47 -9.60 30.28
C THR A 1232 16.69 -10.77 29.69
N GLN A 1233 15.44 -10.94 30.12
CA GLN A 1233 14.63 -12.07 29.65
C GLN A 1233 14.37 -12.02 28.16
N VAL A 1234 14.47 -10.85 27.54
CA VAL A 1234 14.29 -10.71 26.10
C VAL A 1234 15.59 -10.31 25.41
N GLY A 1235 16.40 -9.47 26.03
CA GLY A 1235 17.71 -9.16 25.48
C GLY A 1235 17.88 -7.78 24.91
N ILE A 1236 17.28 -6.77 25.53
CA ILE A 1236 17.48 -5.37 25.17
C ILE A 1236 18.47 -4.77 26.16
N ASN A 1237 19.57 -4.22 25.64
CA ASN A 1237 20.62 -3.70 26.49
C ASN A 1237 20.24 -2.37 27.14
N LYS A 1238 19.63 -1.47 26.37
CA LYS A 1238 19.31 -0.14 26.86
C LYS A 1238 17.81 -0.02 27.16
N VAL A 1239 17.50 0.49 28.35
CA VAL A 1239 16.12 0.65 28.78
C VAL A 1239 15.92 2.07 29.30
N PHE A 1240 14.70 2.56 29.20
CA PHE A 1240 14.30 3.88 29.68
C PHE A 1240 13.17 3.70 30.68
N ALA A 1241 13.51 3.60 31.95
CA ALA A 1241 12.55 3.32 33.01
C ALA A 1241 12.21 4.59 33.78
N GLU A 1242 11.24 4.46 34.69
CA GLU A 1242 10.74 5.57 35.50
C GLU A 1242 10.28 6.74 34.65
N VAL A 1243 9.66 6.46 33.51
CA VAL A 1243 9.14 7.49 32.63
C VAL A 1243 7.65 7.67 32.91
N LEU A 1244 7.29 8.81 33.48
CA LEU A 1244 5.89 9.07 33.74
C LEU A 1244 5.13 9.24 32.43
N PRO A 1245 3.86 8.82 32.38
CA PRO A 1245 3.14 8.78 31.10
C PRO A 1245 2.85 10.15 30.52
N SER A 1246 3.32 11.21 31.18
CA SER A 1246 3.06 12.56 30.68
C SER A 1246 4.00 12.95 29.55
N HIS A 1247 5.30 12.74 29.72
CA HIS A 1247 6.24 13.29 28.74
C HIS A 1247 6.35 12.39 27.51
N LYS A 1248 7.02 11.24 27.67
CA LYS A 1248 7.02 10.12 26.75
C LYS A 1248 7.29 10.52 25.29
N VAL A 1249 7.75 11.74 25.06
CA VAL A 1249 8.03 12.22 23.72
C VAL A 1249 9.43 12.80 23.68
N ALA A 1250 9.90 13.31 24.83
CA ALA A 1250 11.25 13.87 24.89
C ALA A 1250 12.29 12.79 24.64
N LYS A 1251 12.07 11.60 25.17
CA LYS A 1251 12.98 10.49 24.95
C LYS A 1251 13.04 10.11 23.47
N VAL A 1252 11.88 10.10 22.80
CA VAL A 1252 11.88 9.94 21.35
C VAL A 1252 12.53 11.14 20.69
N GLN A 1253 12.28 12.34 21.21
CA GLN A 1253 12.83 13.56 20.62
C GLN A 1253 14.36 13.55 20.67
N GLU A 1254 14.94 13.15 21.79
CA GLU A 1254 16.38 13.19 21.92
C GLU A 1254 17.07 12.15 21.04
N LEU A 1255 16.42 11.01 20.81
CA LEU A 1255 16.99 10.00 19.94
C LEU A 1255 17.06 10.50 18.50
N GLN A 1256 16.01 11.18 18.04
CA GLN A 1256 16.00 11.71 16.69
C GLN A 1256 16.93 12.91 16.51
N ASN A 1257 17.41 13.50 17.61
CA ASN A 1257 18.22 14.71 17.51
C ASN A 1257 19.56 14.45 16.85
N LYS A 1258 20.01 13.20 16.79
CA LYS A 1258 21.31 12.87 16.19
C LYS A 1258 21.24 12.68 14.69
N GLY A 1259 20.05 12.82 14.08
CA GLY A 1259 19.87 12.65 12.66
C GLY A 1259 19.41 11.26 12.24
N LYS A 1260 19.47 10.29 13.15
CA LYS A 1260 19.02 8.94 12.84
C LYS A 1260 17.49 8.91 12.76
N LYS A 1261 16.97 7.76 12.34
CA LYS A 1261 15.54 7.54 12.20
C LYS A 1261 15.08 6.56 13.27
N VAL A 1262 14.01 6.91 13.98
CA VAL A 1262 13.49 6.12 15.09
C VAL A 1262 12.02 5.83 14.82
N ALA A 1263 11.63 4.57 15.01
CA ALA A 1263 10.24 4.14 14.91
C ALA A 1263 9.87 3.38 16.17
N MET A 1264 8.73 3.72 16.76
CA MET A 1264 8.32 3.13 18.03
C MET A 1264 7.15 2.17 17.80
N VAL A 1265 7.17 1.04 18.49
CA VAL A 1265 6.11 0.04 18.43
C VAL A 1265 5.22 0.28 19.63
N GLY A 1266 4.14 1.03 19.44
CA GLY A 1266 3.24 1.35 20.52
C GLY A 1266 2.09 0.37 20.65
N ASP A 1267 0.94 0.85 21.11
CA ASP A 1267 -0.22 -0.02 21.29
C ASP A 1267 -1.51 0.55 20.72
N GLY A 1268 -1.57 1.83 20.37
CA GLY A 1268 -2.76 2.37 19.76
C GLY A 1268 -3.23 3.67 20.37
N VAL A 1269 -4.46 3.67 20.91
CA VAL A 1269 -5.05 4.89 21.46
C VAL A 1269 -4.26 5.38 22.67
N ASN A 1270 -3.56 4.48 23.35
CA ASN A 1270 -2.88 4.86 24.59
C ASN A 1270 -1.67 5.76 24.32
N ASP A 1271 -0.88 5.44 23.30
CA ASP A 1271 0.37 6.13 23.02
C ASP A 1271 0.34 6.89 21.70
N SER A 1272 -0.78 7.56 21.42
CA SER A 1272 -0.88 8.34 20.19
C SER A 1272 0.16 9.45 20.08
N PRO A 1273 0.39 10.28 21.11
CA PRO A 1273 1.42 11.32 20.96
C PRO A 1273 2.82 10.79 20.70
N ALA A 1274 3.16 9.64 21.27
CA ALA A 1274 4.51 9.10 21.11
C ALA A 1274 4.73 8.59 19.69
N LEU A 1275 3.70 7.98 19.09
CA LEU A 1275 3.83 7.47 17.73
C LEU A 1275 3.96 8.60 16.72
N ALA A 1276 3.18 9.68 16.90
CA ALA A 1276 3.18 10.77 15.94
C ALA A 1276 4.55 11.43 15.85
N GLN A 1277 5.20 11.64 17.00
CA GLN A 1277 6.54 12.24 16.98
C GLN A 1277 7.54 11.33 16.28
N ALA A 1278 7.42 10.02 16.48
CA ALA A 1278 8.33 9.09 15.83
C ALA A 1278 8.14 9.12 14.31
N ASP A 1279 9.20 8.77 13.59
CA ASP A 1279 9.16 8.82 12.13
C ASP A 1279 8.17 7.82 11.56
N MET A 1280 8.12 6.60 12.10
CA MET A 1280 7.16 5.60 11.66
C MET A 1280 6.45 5.06 12.90
N GLY A 1281 5.11 5.15 12.90
CA GLY A 1281 4.34 4.65 14.01
C GLY A 1281 3.84 3.24 13.79
N VAL A 1282 4.13 2.34 14.73
CA VAL A 1282 3.70 0.95 14.66
C VAL A 1282 2.67 0.72 15.75
N ALA A 1283 1.45 0.38 15.35
CA ALA A 1283 0.35 0.10 16.26
C ALA A 1283 0.07 -1.40 16.24
N ILE A 1284 0.51 -2.10 17.27
CA ILE A 1284 0.40 -3.55 17.31
C ILE A 1284 -0.76 -3.94 18.23
N GLY A 1285 -1.36 -5.09 17.94
CA GLY A 1285 -2.44 -5.60 18.76
C GLY A 1285 -3.69 -4.76 18.76
N THR A 1286 -4.05 -4.19 17.62
CA THR A 1286 -5.26 -3.39 17.47
C THR A 1286 -6.23 -4.14 16.56
N GLY A 1287 -7.02 -5.02 17.15
CA GLY A 1287 -7.99 -5.79 16.40
C GLY A 1287 -9.30 -5.07 16.21
N THR A 1288 -9.73 -4.93 14.96
CA THR A 1288 -11.00 -4.28 14.60
C THR A 1288 -11.05 -2.82 15.04
N ASP A 1289 -9.88 -2.20 15.23
CA ASP A 1289 -9.75 -0.78 15.53
C ASP A 1289 -8.66 -0.16 14.67
N VAL A 1290 -8.69 -0.46 13.37
CA VAL A 1290 -7.63 -0.01 12.46
C VAL A 1290 -7.73 1.46 12.09
N ALA A 1291 -8.70 2.19 12.64
CA ALA A 1291 -8.84 3.62 12.37
C ALA A 1291 -7.93 4.41 13.33
N ILE A 1292 -6.65 4.38 13.02
CA ILE A 1292 -5.62 5.07 13.80
C ILE A 1292 -4.93 6.07 12.90
N GLU A 1293 -4.86 7.33 13.34
CA GLU A 1293 -4.25 8.38 12.55
C GLU A 1293 -2.81 8.66 12.94
N ALA A 1294 -2.44 8.40 14.19
CA ALA A 1294 -1.08 8.67 14.62
C ALA A 1294 -0.09 7.73 13.95
N ALA A 1295 -0.45 6.46 13.81
CA ALA A 1295 0.46 5.45 13.30
C ALA A 1295 0.33 5.30 11.78
N ASP A 1296 1.45 5.02 11.14
CA ASP A 1296 1.49 4.77 9.70
C ASP A 1296 1.67 3.30 9.35
N VAL A 1297 1.83 2.43 10.35
CA VAL A 1297 1.86 0.99 10.15
C VAL A 1297 0.95 0.35 11.19
N VAL A 1298 -0.03 -0.41 10.73
CA VAL A 1298 -1.04 -1.00 11.60
C VAL A 1298 -0.95 -2.52 11.49
N LEU A 1299 -0.89 -3.20 12.64
CA LEU A 1299 -0.87 -4.65 12.70
C LEU A 1299 -2.12 -5.13 13.39
N ILE A 1300 -2.86 -6.02 12.73
CA ILE A 1300 -4.09 -6.56 13.31
C ILE A 1300 -3.78 -7.68 14.30
N ARG A 1301 -3.04 -8.69 13.88
CA ARG A 1301 -2.70 -9.80 14.76
C ARG A 1301 -1.69 -9.34 15.81
N ASN A 1302 -1.80 -9.89 17.01
CA ASN A 1302 -0.93 -9.51 18.12
C ASN A 1302 0.30 -10.42 18.13
N ASP A 1303 1.17 -10.20 17.13
CA ASP A 1303 2.40 -10.96 16.97
C ASP A 1303 3.56 -10.00 16.78
N LEU A 1304 4.63 -10.19 17.54
CA LEU A 1304 5.81 -9.35 17.39
C LEU A 1304 6.56 -9.66 16.11
N LEU A 1305 6.49 -10.89 15.63
CA LEU A 1305 7.19 -11.25 14.40
C LEU A 1305 6.66 -10.49 13.20
N ASP A 1306 5.41 -10.03 13.23
CA ASP A 1306 4.89 -9.22 12.13
C ASP A 1306 5.64 -7.91 12.00
N VAL A 1307 6.25 -7.43 13.09
CA VAL A 1307 7.13 -6.27 12.99
C VAL A 1307 8.32 -6.60 12.10
N VAL A 1308 8.88 -7.80 12.24
CA VAL A 1308 9.98 -8.22 11.38
C VAL A 1308 9.50 -8.29 9.93
N ALA A 1309 8.34 -8.90 9.70
CA ALA A 1309 7.81 -9.03 8.35
C ALA A 1309 7.46 -7.69 7.75
N SER A 1310 7.04 -6.72 8.58
CA SER A 1310 6.72 -5.40 8.06
C SER A 1310 7.96 -4.73 7.49
N ILE A 1311 9.07 -4.78 8.21
CA ILE A 1311 10.32 -4.21 7.71
C ILE A 1311 10.87 -5.05 6.57
N HIS A 1312 10.86 -6.37 6.74
CA HIS A 1312 11.43 -7.26 5.73
C HIS A 1312 10.69 -7.19 4.40
N LEU A 1313 9.39 -6.90 4.42
CA LEU A 1313 8.63 -6.77 3.19
C LEU A 1313 8.73 -5.37 2.59
N SER A 1314 8.93 -4.34 3.41
CA SER A 1314 9.10 -3.00 2.89
C SER A 1314 10.39 -2.88 2.08
N LYS A 1315 11.48 -3.49 2.57
CA LYS A 1315 12.73 -3.46 1.82
C LYS A 1315 12.60 -4.18 0.49
N ARG A 1316 11.93 -5.33 0.48
CA ARG A 1316 11.74 -6.08 -0.76
C ARG A 1316 10.88 -5.34 -1.77
N THR A 1317 10.07 -4.38 -1.32
CA THR A 1317 9.28 -3.57 -2.25
C THR A 1317 10.08 -2.39 -2.79
N VAL A 1318 10.75 -1.64 -1.91
CA VAL A 1318 11.49 -0.46 -2.34
C VAL A 1318 12.56 -0.84 -3.37
N ARG A 1319 13.16 -2.01 -3.21
CA ARG A 1319 14.13 -2.48 -4.20
C ARG A 1319 13.48 -2.67 -5.56
N ARG A 1320 12.20 -3.06 -5.58
CA ARG A 1320 11.52 -3.32 -6.85
C ARG A 1320 11.31 -2.05 -7.66
N ILE A 1321 11.04 -0.92 -7.01
CA ILE A 1321 10.92 0.34 -7.74
C ILE A 1321 12.25 0.69 -8.41
N ARG A 1322 13.36 0.53 -7.69
CA ARG A 1322 14.66 0.84 -8.26
C ARG A 1322 14.95 -0.02 -9.48
N ILE A 1323 14.64 -1.32 -9.39
CA ILE A 1323 14.81 -2.19 -10.55
C ILE A 1323 13.88 -1.76 -11.68
N ASN A 1324 12.63 -1.44 -11.35
CA ASN A 1324 11.68 -1.05 -12.39
C ASN A 1324 12.09 0.25 -13.06
N LEU A 1325 12.60 1.20 -12.28
CA LEU A 1325 13.01 2.48 -12.84
C LEU A 1325 14.29 2.37 -13.66
N VAL A 1326 14.98 1.25 -13.60
CA VAL A 1326 16.17 1.02 -14.40
C VAL A 1326 15.83 0.38 -15.75
N LEU A 1327 14.90 -0.59 -15.74
CA LEU A 1327 14.45 -1.19 -16.99
C LEU A 1327 13.76 -0.18 -17.90
N ALA A 1328 13.16 0.85 -17.33
CA ALA A 1328 12.52 1.89 -18.13
C ALA A 1328 13.51 2.93 -18.64
N LEU A 1329 14.73 2.97 -18.10
CA LEU A 1329 15.77 3.89 -18.54
C LEU A 1329 16.80 3.23 -19.43
N ILE A 1330 17.19 1.99 -19.13
CA ILE A 1330 18.10 1.27 -20.03
C ILE A 1330 17.44 1.06 -21.38
N TYR A 1331 16.16 0.68 -21.38
CA TYR A 1331 15.46 0.46 -22.65
C TYR A 1331 15.39 1.74 -23.48
N ASN A 1332 15.06 2.86 -22.85
CA ASN A 1332 14.89 4.10 -23.60
C ASN A 1332 16.23 4.62 -24.10
N LEU A 1333 17.25 4.67 -23.24
CA LEU A 1333 18.55 5.20 -23.62
C LEU A 1333 19.33 4.27 -24.54
N VAL A 1334 18.85 3.05 -24.75
CA VAL A 1334 19.42 2.16 -25.76
C VAL A 1334 18.57 2.09 -27.02
N GLY A 1335 17.24 2.09 -26.88
CA GLY A 1335 16.37 2.01 -28.04
C GLY A 1335 16.30 3.29 -28.86
N ILE A 1336 16.71 4.42 -28.29
CA ILE A 1336 16.74 5.67 -29.04
C ILE A 1336 17.95 5.73 -29.97
N PRO A 1337 19.19 5.52 -29.49
CA PRO A 1337 20.32 5.57 -30.44
C PRO A 1337 20.23 4.53 -31.54
N ILE A 1338 19.76 3.32 -31.23
CA ILE A 1338 19.64 2.29 -32.26
C ILE A 1338 18.63 2.72 -33.32
N ALA A 1339 17.47 3.21 -32.89
CA ALA A 1339 16.49 3.71 -33.84
C ALA A 1339 16.95 5.00 -34.51
N ALA A 1340 17.97 5.65 -33.99
CA ALA A 1340 18.54 6.84 -34.61
C ALA A 1340 19.55 6.52 -35.70
N GLY A 1341 19.80 5.24 -35.96
CA GLY A 1341 20.70 4.86 -37.03
C GLY A 1341 22.16 5.05 -36.74
N VAL A 1342 22.53 5.30 -35.49
CA VAL A 1342 23.93 5.44 -35.13
C VAL A 1342 24.70 4.15 -35.34
N PHE A 1343 24.01 3.00 -35.29
CA PHE A 1343 24.65 1.70 -35.43
C PHE A 1343 24.74 1.25 -36.88
N MET A 1344 24.70 2.20 -37.82
CA MET A 1344 24.87 1.86 -39.23
C MET A 1344 26.21 1.19 -39.55
N PRO A 1345 27.37 1.68 -39.08
CA PRO A 1345 28.62 0.99 -39.40
C PRO A 1345 28.64 -0.47 -38.98
N ILE A 1346 28.07 -0.79 -37.82
CA ILE A 1346 27.97 -2.19 -37.41
C ILE A 1346 27.07 -2.96 -38.37
N GLY A 1347 26.03 -2.31 -38.87
CA GLY A 1347 25.13 -2.94 -39.82
C GLY A 1347 23.85 -3.45 -39.20
N ILE A 1348 23.24 -2.66 -38.33
CA ILE A 1348 21.97 -3.00 -37.70
C ILE A 1348 21.04 -1.81 -37.92
N VAL A 1349 20.00 -1.99 -38.72
CA VAL A 1349 18.99 -0.97 -38.96
C VAL A 1349 17.62 -1.63 -38.80
N LEU A 1350 16.67 -0.88 -38.28
CA LEU A 1350 15.33 -1.39 -37.99
C LEU A 1350 14.30 -0.67 -38.85
N GLN A 1351 13.44 -1.44 -39.50
CA GLN A 1351 12.24 -0.88 -40.10
C GLN A 1351 11.29 -0.45 -38.98
N PRO A 1352 10.41 0.52 -39.26
CA PRO A 1352 9.58 1.08 -38.17
C PRO A 1352 8.73 0.05 -37.45
N TRP A 1353 8.19 -0.95 -38.15
CA TRP A 1353 7.33 -1.93 -37.48
C TRP A 1353 8.10 -2.68 -36.40
N MET A 1354 9.41 -2.86 -36.58
CA MET A 1354 10.21 -3.45 -35.52
C MET A 1354 10.39 -2.50 -34.34
N GLY A 1355 10.09 -1.21 -34.52
CA GLY A 1355 10.18 -0.26 -33.43
C GLY A 1355 8.97 -0.19 -32.54
N SER A 1356 7.90 -0.90 -32.89
CA SER A 1356 6.70 -1.00 -32.08
C SER A 1356 6.58 -2.33 -31.34
N ALA A 1357 6.93 -3.43 -32.00
CA ALA A 1357 6.93 -4.73 -31.34
C ALA A 1357 7.95 -4.78 -30.22
N ALA A 1358 8.98 -3.95 -30.26
CA ALA A 1358 9.94 -3.85 -29.17
C ALA A 1358 9.51 -2.86 -28.11
N MET A 1359 8.38 -2.17 -28.31
CA MET A 1359 7.83 -1.26 -27.32
C MET A 1359 6.68 -1.89 -26.53
N ALA A 1360 5.83 -2.65 -27.20
CA ALA A 1360 4.76 -3.36 -26.50
C ALA A 1360 5.32 -4.35 -25.49
N ALA A 1361 6.46 -4.98 -25.80
CA ALA A 1361 7.08 -5.89 -24.84
C ALA A 1361 7.62 -5.13 -23.64
N SER A 1362 8.00 -3.87 -23.83
CA SER A 1362 8.56 -3.09 -22.73
C SER A 1362 7.51 -2.80 -21.67
N SER A 1363 6.32 -2.37 -22.09
CA SER A 1363 5.28 -2.02 -21.13
C SER A 1363 4.83 -3.23 -20.32
N VAL A 1364 4.65 -4.37 -20.97
CA VAL A 1364 4.22 -5.57 -20.27
C VAL A 1364 5.32 -6.08 -19.34
N SER A 1365 6.58 -5.98 -19.78
CA SER A 1365 7.67 -6.48 -18.95
C SER A 1365 7.79 -5.73 -17.63
N VAL A 1366 7.48 -4.43 -17.63
CA VAL A 1366 7.53 -3.67 -16.39
C VAL A 1366 6.44 -4.14 -15.43
N VAL A 1367 5.22 -4.33 -15.94
CA VAL A 1367 4.13 -4.81 -15.09
C VAL A 1367 4.42 -6.23 -14.61
N LEU A 1368 4.91 -7.09 -15.51
CA LEU A 1368 5.21 -8.47 -15.14
C LEU A 1368 6.30 -8.55 -14.09
N SER A 1369 7.20 -7.57 -14.03
CA SER A 1369 8.20 -7.56 -12.97
C SER A 1369 7.58 -7.19 -11.63
N SER A 1370 6.51 -6.40 -11.65
CA SER A 1370 5.81 -6.06 -10.41
C SER A 1370 5.03 -7.26 -9.87
N LEU A 1371 4.37 -8.00 -10.76
CA LEU A 1371 3.54 -9.12 -10.34
C LEU A 1371 4.34 -10.24 -9.69
N GLN A 1372 5.66 -10.25 -9.85
CA GLN A 1372 6.47 -11.26 -9.20
C GLN A 1372 6.42 -11.17 -7.68
N LEU A 1373 6.05 -10.01 -7.13
CA LEU A 1373 5.96 -9.88 -5.68
C LEU A 1373 4.90 -10.78 -5.08
N LYS A 1374 3.88 -11.14 -5.86
CA LYS A 1374 2.82 -12.00 -5.35
C LYS A 1374 3.34 -13.39 -4.96
N CYS A 1375 4.52 -13.76 -5.42
CA CYS A 1375 5.13 -15.04 -5.05
C CYS A 1375 5.92 -14.85 -3.75
N TYR A 1376 5.18 -14.58 -2.68
CA TYR A 1376 5.75 -14.29 -1.37
C TYR A 1376 5.10 -15.21 -0.34
N LYS A 1377 5.86 -16.20 0.14
CA LYS A 1377 5.39 -17.08 1.21
C LYS A 1377 5.66 -16.41 2.55
N LYS A 1378 4.64 -16.34 3.39
CA LYS A 1378 4.82 -15.73 4.70
C LYS A 1378 5.70 -16.63 5.56
N PRO A 1379 6.84 -16.14 6.06
CA PRO A 1379 7.71 -16.98 6.87
C PRO A 1379 7.03 -17.40 8.17
N ASP A 1380 7.37 -18.59 8.63
CA ASP A 1380 6.76 -19.22 9.79
C ASP A 1380 7.72 -19.13 10.98
N LEU A 1381 7.24 -19.58 12.14
CA LEU A 1381 8.07 -19.54 13.34
C LEU A 1381 9.31 -20.40 13.17
N GLU A 1382 9.17 -21.60 12.64
CA GLU A 1382 10.33 -22.45 12.39
C GLU A 1382 11.24 -21.84 11.34
N ARG A 1383 10.69 -21.04 10.42
CA ARG A 1383 11.53 -20.36 9.45
C ARG A 1383 12.53 -19.44 10.13
N TYR A 1384 12.07 -18.66 11.11
CA TYR A 1384 12.99 -17.80 11.85
C TYR A 1384 13.88 -18.62 12.77
N GLU A 1385 13.37 -19.75 13.28
CA GLU A 1385 14.19 -20.64 14.09
C GLU A 1385 15.36 -21.21 13.30
N ALA A 1386 15.26 -21.24 11.98
CA ALA A 1386 16.32 -21.83 11.16
C ALA A 1386 17.55 -20.93 11.10
N GLN A 1387 17.40 -19.72 10.55
CA GLN A 1387 18.54 -18.82 10.42
C GLN A 1387 19.00 -18.24 11.76
N ALA A 1388 18.19 -18.34 12.80
CA ALA A 1388 18.61 -17.94 14.13
C ALA A 1388 19.21 -19.08 14.94
N HIS A 1389 19.16 -20.30 14.44
CA HIS A 1389 19.66 -21.45 15.18
C HIS A 1389 21.16 -21.34 15.38
N GLY A 1390 21.63 -21.88 16.50
CA GLY A 1390 23.06 -21.92 16.80
C GLY A 1390 23.62 -20.80 17.64
N HIS A 1391 23.38 -19.56 17.24
CA HIS A 1391 23.96 -18.39 17.92
C HIS A 1391 22.84 -17.54 18.55
N MET A 1392 22.63 -17.77 19.84
CA MET A 1392 21.79 -16.91 20.68
C MET A 1392 22.62 -16.58 21.93
N LYS A 1393 23.20 -15.38 21.93
CA LYS A 1393 24.12 -15.00 23.00
C LYS A 1393 23.34 -14.56 24.23
N PRO A 1394 23.44 -15.25 25.35
CA PRO A 1394 22.79 -14.79 26.57
C PRO A 1394 23.50 -13.57 27.15
N LEU A 1395 22.75 -12.79 27.92
CA LEU A 1395 23.27 -11.60 28.56
C LEU A 1395 22.79 -11.54 30.00
N THR A 1396 23.57 -10.87 30.84
CA THR A 1396 23.26 -10.69 32.24
C THR A 1396 22.90 -9.23 32.51
N ALA A 1397 22.37 -8.99 33.71
CA ALA A 1397 21.98 -7.64 34.09
C ALA A 1397 23.16 -6.68 34.17
N SER A 1398 24.38 -7.20 34.28
CA SER A 1398 25.55 -6.33 34.37
C SER A 1398 25.72 -5.50 33.09
N GLN A 1399 25.52 -6.12 31.93
CA GLN A 1399 25.65 -5.42 30.65
C GLN A 1399 24.31 -4.87 30.19
N VAL A 1400 23.65 -4.13 31.10
CA VAL A 1400 22.35 -3.52 30.83
C VAL A 1400 22.36 -2.11 31.38
N SER A 1401 22.37 -1.12 30.50
CA SER A 1401 22.32 0.27 30.93
C SER A 1401 20.88 0.71 31.16
N VAL A 1402 20.73 1.87 31.79
CA VAL A 1402 19.43 2.42 32.15
C VAL A 1402 19.34 3.85 31.63
N HIS A 1403 18.23 4.52 31.96
CA HIS A 1403 17.95 5.84 31.42
C HIS A 1403 18.93 6.88 31.97
N ILE A 1404 18.81 8.10 31.45
CA ILE A 1404 19.67 9.21 31.84
C ILE A 1404 18.75 10.31 32.37
N GLY A 1405 18.89 10.63 33.65
CA GLY A 1405 18.08 11.68 34.26
C GLY A 1405 16.63 11.29 34.45
PT PT B . 4.45 5.78 -28.73
#